data_8XOM
#
_entry.id   8XOM
#
_cell.length_a   1.00
_cell.length_b   1.00
_cell.length_c   1.00
_cell.angle_alpha   90.00
_cell.angle_beta   90.00
_cell.angle_gamma   90.00
#
_symmetry.space_group_name_H-M   'P 1'
#
loop_
_entity.id
_entity.type
_entity.pdbx_description
1 polymer 'ATP-binding cassette sub-family C member 4'
2 non-polymer 'PHOSPHOAMINOPHOSPHONIC ACID-ADENYLATE ESTER'
3 non-polymer METHOTREXATE
4 non-polymer "2-[2-[(1~{S},2~{S},4~{S},5'~{R},6~{R},7~{S},8~{R},9~{S},12~{S},13~{R},16~{S})-5',7,9,13-tetramethylspiro[5-oxapentacyclo[10.8.0.0^{2,9}.0^{4,8}.0^{13,18}]icos-18-ene-6,2'-oxane]-16-yl]oxyethyl]propane-1,3-diol"
5 non-polymer 'PALMITIC ACID'
6 non-polymer 'MAGNESIUM ION'
#
_entity_poly.entity_id   1
_entity_poly.type   'polypeptide(L)'
_entity_poly.pdbx_seq_one_letter_code
;MLPVYQEVKPNPLQDANLCSRVFFWWLNPLFKIGHKRRLEEDDMYSVLPEDRSQHLGEELQGFWDKEVLRAENDAQKPSL
TRAIIKCYWKSYLVLGIFTLIEESAKVIQPIFLGKIINYFENYDPMDSVALNTAYAYATVLTFCTLILAILHHLYFYHVQ
CAGMRLRVAMCHMIYRKALRLSNMAMGKTTTGQIVNLLSNDVNKFDQVTVFLHFLWAGPLQAIAVTALLWMEIGISCLAG
MAVLIILLPLQSCFGKLFSSLRSKTATFTDARIRTMNEVITGIRIIKMYAWEKSFSNLITNLRKKEISKILRSSCLRGMN
LASFFSASKIIVFVTFTTYVLLGSVITASRVFVAVTLYGAVRLTVTLFFPSAIERVSEAIVSIRRIQTFLLLDEISQRNR
QLPSDGKKMVHVQDFTAFWDKASETPTLQGLSFTVRPGELLAVVGPVGAGKSSLLSAVLGELAPSHGLVSVHGRIAYVSQ
QPWVFSGTLRSNILFGKKYEKERYEKVIKACALKKDLQLLEDGDLTVIGDRGTTLSGGQKARVNLARAVYQDADIYLLDD
PLSAVDAEVSRHLFELCICQILHEKITILVTHQLQYLKAASQILILKDGKMVQKGTYTEFLKSGIDFGSLLKKDNEESEQ
PPVPGTPTLRNRTFSESSVWSQQSSRPSLKDGALESQDTENVPVTLSEENRSEGKVGFQAYKNYFRAGAHWIVFIFLILL
NTAAQVAYVLQDWWLSYWANKQSMLNVTVNGGGNVTEKLDLNWYLGIYSGLTVATVLFGIARSLLVFYVLVNSSQTLHNK
MFESILKAPVLFFDRNPIGRILNRFSKDIGHLDDLLPLTFLDFIQTLLQVVGVVSVAVAVIPWIAIPLVPLGIIFIFLRR
YFLETSRDVKRLESTTRSPVFSHLSSSLQGLWTIRAYKAEERCQELFDAHQDLHSEAWFLFLTTSRWFAVRLDAICAMFV
IIVAFGSLILAKTLDAGQVGLALSYALTLMGMFQWCVRQSAEVENMMISVERVIEYTDLEKEAPWEYQKRPPPAWPHEGV
IIFDNVNFMYSPGGPLVLKHLTALIKSQEKVGIVGRTGAGKSSLISALFRLSEPEGKIWIDKILTTEIGLHDLRKKMSII
PQEPVLFTGTMRKNLDPFNEHTDEELWNALQEVQLKETIEDLPGKMDTELAESGSNFSVGQRQLVCLARAILRKNQILII
DEATANVDPRTDELIQKKIREKFAHCTVLTIAHRLNTIIDSDKIMVLDSGRLKEYDEPYVLLQNKESLFYKMVQQLGKAE
AAALTETAKQVYFKRNYPHIGHTDHMVTNTSNGQPSTLTIFETAL
;
_entity_poly.pdbx_strand_id   A
#
# COMPACT_ATOMS: atom_id res chain seq x y z
N GLU A 7 7.02 20.69 27.45
CA GLU A 7 6.78 20.04 26.17
C GLU A 7 5.29 20.07 25.87
N VAL A 8 4.83 19.08 25.11
CA VAL A 8 3.41 18.86 24.89
C VAL A 8 2.87 18.34 26.20
N LYS A 9 1.54 18.28 26.33
CA LYS A 9 0.92 17.75 27.54
C LYS A 9 1.62 16.45 27.91
N PRO A 10 2.31 16.43 29.05
CA PRO A 10 3.12 15.27 29.40
C PRO A 10 2.27 14.02 29.52
N ASN A 11 2.87 12.89 29.16
CA ASN A 11 2.21 11.61 29.25
C ASN A 11 1.67 11.43 30.68
N PRO A 12 0.36 11.31 30.86
CA PRO A 12 -0.17 11.03 32.19
C PRO A 12 0.27 9.69 32.73
N LEU A 13 0.75 8.78 31.88
CA LEU A 13 1.18 7.49 32.40
C LEU A 13 2.33 7.65 33.38
N GLN A 14 3.09 8.75 33.29
CA GLN A 14 4.19 8.94 34.22
C GLN A 14 3.64 9.09 35.64
N ASP A 15 2.59 9.88 35.81
CA ASP A 15 2.00 10.18 37.10
C ASP A 15 0.81 9.29 37.43
N ALA A 16 0.50 8.33 36.57
CA ALA A 16 -0.63 7.43 36.78
C ALA A 16 -0.27 6.38 37.82
N ASN A 17 -1.16 6.21 38.81
CA ASN A 17 -0.93 5.21 39.83
C ASN A 17 -1.27 3.82 39.28
N LEU A 18 -1.18 2.82 40.14
CA LEU A 18 -1.35 1.44 39.69
C LEU A 18 -2.76 1.18 39.17
N CYS A 19 -3.78 1.65 39.88
CA CYS A 19 -5.16 1.42 39.46
C CYS A 19 -5.45 2.11 38.12
N SER A 20 -5.00 3.36 37.97
CA SER A 20 -5.23 4.05 36.71
C SER A 20 -4.54 3.34 35.55
N ARG A 21 -3.30 2.87 35.77
CA ARG A 21 -2.61 2.15 34.71
C ARG A 21 -3.29 0.83 34.36
N VAL A 22 -3.79 0.08 35.35
CA VAL A 22 -4.45 -1.17 35.03
C VAL A 22 -5.73 -0.93 34.24
N PHE A 23 -6.54 0.04 34.68
CA PHE A 23 -7.81 0.31 34.01
C PHE A 23 -7.71 1.34 32.90
N PHE A 24 -6.51 1.85 32.62
CA PHE A 24 -6.31 2.88 31.61
C PHE A 24 -7.19 4.10 31.86
N TRP A 25 -7.35 4.44 33.14
CA TRP A 25 -8.20 5.57 33.50
C TRP A 25 -7.64 6.88 32.98
N TRP A 26 -6.31 6.99 32.94
CA TRP A 26 -5.65 8.23 32.54
C TRP A 26 -5.95 8.60 31.10
N LEU A 27 -6.42 7.65 30.29
CA LEU A 27 -6.77 7.98 28.92
C LEU A 27 -8.11 8.71 28.80
N ASN A 28 -8.86 8.80 29.89
CA ASN A 28 -10.20 9.38 29.82
C ASN A 28 -10.22 10.79 29.25
N PRO A 29 -9.35 11.72 29.65
CA PRO A 29 -9.43 13.07 29.06
C PRO A 29 -9.30 13.09 27.56
N LEU A 30 -8.39 12.30 26.99
CA LEU A 30 -8.19 12.34 25.54
C LEU A 30 -9.48 12.02 24.80
N PHE A 31 -10.13 10.91 25.14
CA PHE A 31 -11.39 10.56 24.52
C PHE A 31 -12.37 11.71 24.59
N LYS A 32 -12.39 12.42 25.71
CA LYS A 32 -13.30 13.56 25.84
C LYS A 32 -13.08 14.52 24.70
N ILE A 33 -11.83 14.95 24.50
CA ILE A 33 -11.56 15.84 23.39
C ILE A 33 -11.75 15.08 22.08
N GLY A 34 -11.42 13.78 22.07
CA GLY A 34 -11.68 12.97 20.91
C GLY A 34 -13.15 12.89 20.56
N HIS A 35 -14.02 13.08 21.56
CA HIS A 35 -15.45 13.15 21.29
C HIS A 35 -15.91 14.56 20.97
N LYS A 36 -15.18 15.58 21.44
CA LYS A 36 -15.63 16.95 21.21
C LYS A 36 -15.33 17.40 19.79
N ARG A 37 -14.17 17.06 19.26
CA ARG A 37 -13.74 17.57 17.96
C ARG A 37 -12.82 16.55 17.30
N ARG A 38 -12.16 16.98 16.24
CA ARG A 38 -11.28 16.11 15.47
C ARG A 38 -9.85 16.23 15.99
N LEU A 39 -9.22 15.09 16.24
CA LEU A 39 -7.88 15.08 16.82
C LEU A 39 -6.83 15.56 15.83
N GLU A 40 -5.82 16.24 16.35
CA GLU A 40 -4.68 16.67 15.56
C GLU A 40 -3.40 16.21 16.21
N GLU A 41 -2.25 16.64 15.68
CA GLU A 41 -0.98 16.25 16.28
C GLU A 41 -0.68 17.02 17.56
N ASP A 42 -1.33 18.17 17.78
CA ASP A 42 -1.10 18.92 19.01
C ASP A 42 -1.78 18.29 20.21
N ASP A 43 -2.91 17.61 19.99
CA ASP A 43 -3.65 16.94 21.06
C ASP A 43 -3.04 15.62 21.45
N MET A 44 -1.75 15.45 21.19
CA MET A 44 -1.06 14.18 21.32
C MET A 44 -0.28 14.16 22.63
N TYR A 45 0.23 12.98 22.98
CA TYR A 45 1.01 12.78 24.19
C TYR A 45 2.44 12.38 23.84
N SER A 46 3.41 13.07 24.42
CA SER A 46 4.81 12.81 24.14
C SER A 46 5.20 11.43 24.65
N VAL A 47 6.19 10.84 23.99
CA VAL A 47 6.68 9.53 24.38
C VAL A 47 7.37 9.62 25.73
N LEU A 48 7.41 8.51 26.46
CA LEU A 48 8.06 8.50 27.75
C LEU A 48 9.57 8.66 27.59
N PRO A 49 10.25 9.21 28.61
CA PRO A 49 11.70 9.42 28.48
C PRO A 49 12.52 8.17 28.19
N GLU A 50 12.10 7.02 28.69
CA GLU A 50 12.79 5.76 28.42
C GLU A 50 12.39 5.14 27.10
N ASP A 51 11.42 5.71 26.40
CA ASP A 51 10.97 5.23 25.10
C ASP A 51 11.40 6.15 23.97
N ARG A 52 12.21 7.16 24.25
CA ARG A 52 12.71 8.05 23.20
C ARG A 52 13.61 7.27 22.25
N SER A 53 13.50 7.59 20.96
CA SER A 53 14.24 6.86 19.94
C SER A 53 15.74 6.96 20.17
N GLN A 54 16.22 8.11 20.62
CA GLN A 54 17.66 8.25 20.86
C GLN A 54 18.13 7.27 21.93
N HIS A 55 17.38 7.13 23.01
CA HIS A 55 17.80 6.28 24.11
C HIS A 55 17.87 4.81 23.68
N LEU A 56 16.81 4.30 23.05
CA LEU A 56 16.81 2.92 22.60
C LEU A 56 17.86 2.69 21.53
N GLY A 57 18.02 3.65 20.62
CA GLY A 57 19.05 3.52 19.60
C GLY A 57 20.43 3.40 20.22
N GLU A 58 20.73 4.25 21.20
CA GLU A 58 22.03 4.21 21.85
C GLU A 58 22.23 2.89 22.60
N GLU A 59 21.19 2.42 23.30
CA GLU A 59 21.35 1.20 24.07
C GLU A 59 21.56 -0.01 23.16
N LEU A 60 20.81 -0.08 22.07
CA LEU A 60 21.01 -1.19 21.13
C LEU A 60 22.32 -1.05 20.39
N GLN A 61 22.78 0.19 20.17
CA GLN A 61 24.11 0.39 19.59
C GLN A 61 25.18 -0.17 20.50
N GLY A 62 25.08 0.10 21.80
CA GLY A 62 26.04 -0.46 22.72
C GLY A 62 26.02 -1.98 22.73
N PHE A 63 24.81 -2.56 22.79
CA PHE A 63 24.71 -4.02 22.82
C PHE A 63 25.23 -4.65 21.54
N TRP A 64 24.88 -4.08 20.39
CA TRP A 64 25.30 -4.66 19.11
C TRP A 64 26.80 -4.49 18.90
N ASP A 65 27.36 -3.35 19.33
CA ASP A 65 28.80 -3.17 19.25
C ASP A 65 29.53 -4.16 20.14
N LYS A 66 29.01 -4.40 21.35
CA LYS A 66 29.61 -5.39 22.22
C LYS A 66 29.55 -6.77 21.58
N GLU A 67 28.42 -7.10 20.96
CA GLU A 67 28.29 -8.39 20.29
C GLU A 67 29.29 -8.50 19.13
N VAL A 68 29.46 -7.43 18.37
CA VAL A 68 30.40 -7.45 17.25
C VAL A 68 31.81 -7.64 17.77
N LEU A 69 32.17 -6.94 18.84
CA LEU A 69 33.51 -7.08 19.42
C LEU A 69 33.74 -8.50 19.92
N ARG A 70 32.73 -9.07 20.57
CA ARG A 70 32.85 -10.45 21.05
C ARG A 70 33.01 -11.42 19.89
N ALA A 71 32.23 -11.24 18.82
CA ALA A 71 32.35 -12.12 17.66
C ALA A 71 33.72 -12.01 17.02
N GLU A 72 34.23 -10.78 16.91
CA GLU A 72 35.56 -10.57 16.34
C GLU A 72 36.63 -11.21 17.21
N ASN A 73 36.50 -11.11 18.53
CA ASN A 73 37.46 -11.73 19.42
C ASN A 73 37.44 -13.25 19.25
N ASP A 74 36.25 -13.83 19.16
CA ASP A 74 36.12 -15.27 19.02
C ASP A 74 36.00 -15.74 17.56
N ALA A 75 36.09 -14.81 16.60
CA ALA A 75 36.26 -15.14 15.18
C ALA A 75 35.10 -15.99 14.65
N GLN A 76 33.88 -15.48 14.82
CA GLN A 76 32.70 -16.01 14.16
C GLN A 76 31.83 -14.87 13.69
N LYS A 77 30.91 -15.18 12.77
CA LYS A 77 30.01 -14.17 12.25
C LYS A 77 29.07 -13.69 13.34
N PRO A 78 28.99 -12.38 13.58
CA PRO A 78 28.13 -11.87 14.65
C PRO A 78 26.66 -12.14 14.37
N SER A 79 25.89 -12.31 15.44
CA SER A 79 24.47 -12.62 15.35
C SER A 79 23.69 -11.46 15.95
N LEU A 80 22.74 -10.93 15.17
CA LEU A 80 21.86 -9.88 15.69
C LEU A 80 20.86 -10.43 16.70
N THR A 81 20.42 -11.67 16.53
CA THR A 81 19.49 -12.25 17.49
C THR A 81 20.11 -12.34 18.87
N ARG A 82 21.41 -12.65 18.93
CA ARG A 82 22.10 -12.69 20.21
C ARG A 82 22.05 -11.34 20.90
N ALA A 83 22.30 -10.26 20.15
CA ALA A 83 22.27 -8.93 20.75
C ALA A 83 20.86 -8.55 21.19
N ILE A 84 19.84 -8.86 20.38
CA ILE A 84 18.48 -8.52 20.75
C ILE A 84 18.07 -9.25 22.02
N ILE A 85 18.42 -10.53 22.13
CA ILE A 85 18.10 -11.29 23.35
C ILE A 85 18.85 -10.71 24.53
N LYS A 86 20.15 -10.51 24.39
CA LYS A 86 20.95 -9.96 25.48
C LYS A 86 20.47 -8.58 25.89
N CYS A 87 19.75 -7.88 25.03
CA CYS A 87 19.23 -6.58 25.39
C CYS A 87 17.89 -6.68 26.14
N TYR A 88 16.93 -7.47 25.64
CA TYR A 88 15.57 -7.41 26.14
C TYR A 88 15.12 -8.63 26.97
N TRP A 89 16.03 -9.57 27.27
CA TRP A 89 15.59 -10.81 27.91
C TRP A 89 15.12 -10.57 29.35
N LYS A 90 15.80 -9.68 30.08
CA LYS A 90 15.38 -9.41 31.45
C LYS A 90 13.99 -8.81 31.48
N SER A 91 13.76 -7.79 30.66
CA SER A 91 12.46 -7.12 30.63
C SER A 91 11.35 -8.02 30.08
N TYR A 92 11.69 -9.06 29.33
CA TYR A 92 10.73 -10.02 28.82
C TYR A 92 10.39 -11.20 29.73
N LEU A 93 11.35 -11.75 30.47
CA LEU A 93 11.02 -12.86 31.36
C LEU A 93 10.07 -12.49 32.50
N VAL A 94 10.06 -11.22 32.94
CA VAL A 94 9.02 -10.84 33.90
C VAL A 94 7.64 -10.95 33.26
N LEU A 95 7.52 -10.50 32.01
CA LEU A 95 6.20 -10.62 31.44
C LEU A 95 5.88 -12.10 31.25
N GLY A 96 6.91 -12.94 31.05
CA GLY A 96 6.62 -14.35 30.96
C GLY A 96 6.10 -14.88 32.28
N ILE A 97 6.47 -14.20 33.38
CA ILE A 97 5.96 -14.57 34.70
C ILE A 97 4.46 -14.37 34.69
N PHE A 98 4.05 -13.24 34.13
CA PHE A 98 2.62 -12.96 34.10
C PHE A 98 1.90 -13.89 33.15
N THR A 99 2.56 -14.33 32.08
CA THR A 99 1.93 -15.30 31.19
C THR A 99 1.76 -16.65 31.88
N LEU A 100 2.69 -17.01 32.75
CA LEU A 100 2.48 -18.20 33.57
C LEU A 100 1.26 -18.05 34.46
N ILE A 101 1.12 -16.88 35.08
CA ILE A 101 -0.06 -16.64 35.93
C ILE A 101 -1.34 -16.74 35.13
N GLU A 102 -1.34 -16.18 33.93
CA GLU A 102 -2.53 -16.20 33.08
C GLU A 102 -2.89 -17.61 32.64
N GLU A 103 -1.88 -18.41 32.29
CA GLU A 103 -2.11 -19.79 31.93
C GLU A 103 -2.67 -20.58 33.10
N SER A 104 -2.15 -20.35 34.29
CA SER A 104 -2.67 -21.05 35.46
C SER A 104 -4.13 -20.70 35.71
N ALA A 105 -4.48 -19.42 35.60
CA ALA A 105 -5.87 -19.05 35.82
C ALA A 105 -6.80 -19.70 34.79
N LYS A 106 -6.40 -19.67 33.52
CA LYS A 106 -7.21 -20.29 32.48
C LYS A 106 -7.35 -21.80 32.68
N VAL A 107 -6.29 -22.46 33.17
CA VAL A 107 -6.36 -23.90 33.37
C VAL A 107 -7.26 -24.26 34.55
N ILE A 108 -7.15 -23.52 35.67
CA ILE A 108 -7.86 -23.93 36.88
C ILE A 108 -9.28 -23.38 37.00
N GLN A 109 -9.70 -22.48 36.12
CA GLN A 109 -11.09 -22.06 36.15
C GLN A 109 -12.08 -23.21 35.95
N PRO A 110 -11.90 -24.11 34.99
CA PRO A 110 -12.83 -25.24 34.86
C PRO A 110 -12.90 -26.15 36.07
N ILE A 111 -11.85 -26.23 36.90
CA ILE A 111 -11.91 -27.04 38.10
C ILE A 111 -13.01 -26.55 39.03
N PHE A 112 -13.07 -25.24 39.23
CA PHE A 112 -14.10 -24.69 40.09
C PHE A 112 -15.46 -24.73 39.40
N LEU A 113 -15.46 -24.64 38.08
CA LEU A 113 -16.70 -24.91 37.36
C LEU A 113 -17.21 -26.31 37.70
N GLY A 114 -16.32 -27.29 37.71
CA GLY A 114 -16.74 -28.62 38.09
C GLY A 114 -17.16 -28.76 39.53
N LYS A 115 -16.55 -28.00 40.44
CA LYS A 115 -17.00 -28.04 41.82
C LYS A 115 -18.43 -27.51 41.97
N ILE A 116 -18.75 -26.40 41.30
CA ILE A 116 -20.12 -25.90 41.37
C ILE A 116 -21.09 -26.89 40.75
N ILE A 117 -20.75 -27.45 39.58
CA ILE A 117 -21.66 -28.39 38.94
C ILE A 117 -21.84 -29.63 39.80
N ASN A 118 -20.80 -30.07 40.49
CA ASN A 118 -20.92 -31.22 41.37
C ASN A 118 -21.87 -30.91 42.51
N TYR A 119 -21.82 -29.67 43.01
CA TYR A 119 -22.83 -29.26 43.99
C TYR A 119 -24.22 -29.39 43.39
N PHE A 120 -24.39 -28.97 42.14
CA PHE A 120 -25.73 -29.08 41.56
C PHE A 120 -26.12 -30.54 41.37
N GLU A 121 -25.13 -31.41 41.18
CA GLU A 121 -25.38 -32.83 40.94
C GLU A 121 -25.86 -33.52 42.21
N ASN A 122 -25.38 -33.07 43.37
CA ASN A 122 -25.74 -33.68 44.65
C ASN A 122 -26.68 -32.79 45.44
N TYR A 123 -27.64 -32.18 44.74
CA TYR A 123 -28.49 -31.15 45.33
C TYR A 123 -29.24 -31.66 46.55
N ASP A 124 -29.26 -30.84 47.60
CA ASP A 124 -30.02 -31.09 48.81
C ASP A 124 -30.50 -29.75 49.35
N PRO A 125 -31.80 -29.47 49.30
CA PRO A 125 -32.28 -28.15 49.73
C PRO A 125 -32.04 -27.86 51.21
N MET A 126 -31.87 -28.88 52.05
CA MET A 126 -31.67 -28.69 53.47
C MET A 126 -30.20 -28.54 53.87
N ASP A 127 -29.28 -28.61 52.91
CA ASP A 127 -27.84 -28.53 53.19
C ASP A 127 -27.37 -27.09 52.99
N SER A 128 -27.28 -26.34 54.09
CA SER A 128 -26.78 -24.97 54.02
C SER A 128 -25.27 -24.91 53.84
N VAL A 129 -24.56 -25.87 54.43
CA VAL A 129 -23.10 -25.89 54.31
C VAL A 129 -22.69 -26.08 52.86
N ALA A 130 -23.39 -26.97 52.14
CA ALA A 130 -23.11 -27.16 50.72
C ALA A 130 -23.36 -25.89 49.94
N LEU A 131 -24.42 -25.16 50.29
CA LEU A 131 -24.70 -23.90 49.62
C LEU A 131 -23.59 -22.89 49.84
N ASN A 132 -23.10 -22.79 51.08
CA ASN A 132 -22.01 -21.87 51.37
C ASN A 132 -20.74 -22.26 50.62
N THR A 133 -20.46 -23.56 50.56
CA THR A 133 -19.28 -24.02 49.81
C THR A 133 -19.40 -23.69 48.33
N ALA A 134 -20.60 -23.86 47.77
CA ALA A 134 -20.82 -23.51 46.38
C ALA A 134 -20.67 -22.00 46.16
N TYR A 135 -21.13 -21.19 47.11
CA TYR A 135 -20.93 -19.75 47.00
C TYR A 135 -19.45 -19.40 46.99
N ALA A 136 -18.67 -20.05 47.85
CA ALA A 136 -17.23 -19.81 47.85
C ALA A 136 -16.59 -20.25 46.55
N TYR A 137 -17.05 -21.37 45.98
CA TYR A 137 -16.53 -21.81 44.70
C TYR A 137 -16.85 -20.81 43.59
N ALA A 138 -18.06 -20.25 43.60
CA ALA A 138 -18.42 -19.24 42.62
C ALA A 138 -17.60 -17.97 42.81
N THR A 139 -17.31 -17.62 44.06
CA THR A 139 -16.47 -16.45 44.32
C THR A 139 -15.06 -16.65 43.76
N VAL A 140 -14.50 -17.85 43.94
CA VAL A 140 -13.18 -18.12 43.39
C VAL A 140 -13.22 -18.08 41.87
N LEU A 141 -14.30 -18.61 41.28
CA LEU A 141 -14.44 -18.58 39.83
C LEU A 141 -14.48 -17.16 39.28
N THR A 142 -15.25 -16.27 39.93
CA THR A 142 -15.30 -14.90 39.42
C THR A 142 -14.02 -14.13 39.72
N PHE A 143 -13.33 -14.46 40.81
CA PHE A 143 -12.01 -13.86 41.04
C PHE A 143 -11.08 -14.21 39.90
N CYS A 144 -11.09 -15.48 39.49
CA CYS A 144 -10.24 -15.90 38.40
C CYS A 144 -10.61 -15.19 37.10
N THR A 145 -11.90 -15.05 36.80
CA THR A 145 -12.23 -14.40 35.53
C THR A 145 -11.93 -12.89 35.54
N LEU A 146 -12.00 -12.20 36.68
CA LEU A 146 -11.54 -10.81 36.68
C LEU A 146 -10.03 -10.71 36.49
N ILE A 147 -9.28 -11.62 37.10
CA ILE A 147 -7.83 -11.66 36.84
C ILE A 147 -7.57 -11.85 35.36
N LEU A 148 -8.33 -12.74 34.74
CA LEU A 148 -8.16 -13.04 33.32
C LEU A 148 -8.49 -11.85 32.45
N ALA A 149 -9.45 -11.03 32.89
CA ALA A 149 -10.04 -9.99 32.07
C ALA A 149 -9.20 -8.73 32.17
N ILE A 150 -8.98 -8.19 33.36
CA ILE A 150 -8.33 -6.88 33.38
C ILE A 150 -6.82 -7.04 33.44
N LEU A 151 -6.34 -8.26 33.62
CA LEU A 151 -4.91 -8.38 33.74
C LEU A 151 -4.32 -8.94 32.47
N HIS A 152 -5.10 -9.64 31.63
CA HIS A 152 -4.40 -10.07 30.45
C HIS A 152 -4.17 -8.82 29.63
N HIS A 153 -5.05 -7.82 29.81
CA HIS A 153 -4.99 -6.64 28.95
C HIS A 153 -3.85 -5.73 29.39
N LEU A 154 -3.61 -5.62 30.71
CA LEU A 154 -2.43 -4.86 31.11
C LEU A 154 -1.14 -5.52 30.63
N TYR A 155 -1.06 -6.85 30.76
CA TYR A 155 0.11 -7.57 30.27
C TYR A 155 0.27 -7.46 28.76
N PHE A 156 -0.83 -7.53 28.02
CA PHE A 156 -0.78 -7.40 26.57
C PHE A 156 -0.24 -6.03 26.17
N TYR A 157 -0.68 -4.97 26.85
CA TYR A 157 -0.14 -3.65 26.52
C TYR A 157 1.36 -3.59 26.76
N HIS A 158 1.83 -4.18 27.87
CA HIS A 158 3.28 -4.16 28.10
C HIS A 158 4.05 -4.96 27.04
N VAL A 159 3.49 -6.09 26.60
CA VAL A 159 4.13 -6.86 25.55
C VAL A 159 4.23 -6.04 24.27
N GLN A 160 3.13 -5.41 23.87
CA GLN A 160 3.16 -4.60 22.66
C GLN A 160 4.11 -3.42 22.79
N CYS A 161 4.24 -2.84 23.99
CA CYS A 161 5.21 -1.78 24.20
C CYS A 161 6.63 -2.28 24.01
N ALA A 162 6.91 -3.49 24.48
CA ALA A 162 8.24 -4.07 24.25
C ALA A 162 8.52 -4.24 22.76
N GLY A 163 7.52 -4.71 22.02
CA GLY A 163 7.68 -4.84 20.58
C GLY A 163 7.93 -3.52 19.88
N MET A 164 7.19 -2.49 20.28
CA MET A 164 7.40 -1.16 19.68
C MET A 164 8.79 -0.63 20.01
N ARG A 165 9.27 -0.91 21.23
CA ARG A 165 10.62 -0.50 21.58
C ARG A 165 11.65 -1.17 20.68
N LEU A 166 11.48 -2.47 20.44
CA LEU A 166 12.38 -3.16 19.53
C LEU A 166 12.34 -2.56 18.12
N ARG A 167 11.14 -2.25 17.62
CA ARG A 167 11.03 -1.68 16.28
C ARG A 167 11.74 -0.34 16.19
N VAL A 168 11.54 0.53 17.17
CA VAL A 168 12.14 1.85 17.13
C VAL A 168 13.66 1.75 17.20
N ALA A 169 14.16 0.89 18.09
CA ALA A 169 15.61 0.72 18.17
C ALA A 169 16.19 0.19 16.86
N MET A 170 15.51 -0.76 16.22
CA MET A 170 15.98 -1.27 14.95
C MET A 170 16.01 -0.19 13.88
N CYS A 171 14.98 0.66 13.83
CA CYS A 171 14.98 1.72 12.84
C CYS A 171 16.12 2.71 13.07
N HIS A 172 16.40 3.04 14.33
CA HIS A 172 17.53 3.90 14.62
C HIS A 172 18.85 3.25 14.20
N MET A 173 19.00 1.95 14.48
CA MET A 173 20.16 1.20 13.98
C MET A 173 20.31 1.33 12.47
N ILE A 174 19.22 1.11 11.74
CA ILE A 174 19.30 1.09 10.28
C ILE A 174 19.68 2.47 9.76
N TYR A 175 19.08 3.52 10.31
CA TYR A 175 19.43 4.86 9.85
C TYR A 175 20.88 5.20 10.17
N ARG A 176 21.35 4.82 11.37
CA ARG A 176 22.74 5.10 11.72
C ARG A 176 23.68 4.42 10.74
N LYS A 177 23.34 3.19 10.34
CA LYS A 177 24.16 2.50 9.35
C LYS A 177 24.08 3.17 7.99
N ALA A 178 22.87 3.57 7.59
CA ALA A 178 22.67 4.18 6.28
C ALA A 178 23.46 5.47 6.12
N LEU A 179 23.53 6.27 7.19
CA LEU A 179 24.29 7.51 7.08
C LEU A 179 25.79 7.28 6.94
N ARG A 180 26.27 6.07 7.24
CA ARG A 180 27.69 5.73 7.11
C ARG A 180 27.95 4.72 6.01
N LEU A 181 26.99 4.53 5.10
CA LEU A 181 27.11 3.54 4.04
C LEU A 181 28.19 3.97 3.04
N SER A 182 28.73 2.99 2.31
CA SER A 182 29.74 3.29 1.29
C SER A 182 29.19 3.60 -0.09
N ASN A 183 30.09 4.10 -0.95
CA ASN A 183 29.70 4.47 -2.31
C ASN A 183 29.41 3.22 -3.13
N MET A 184 30.34 2.26 -3.11
CA MET A 184 30.19 1.05 -3.91
C MET A 184 29.11 0.17 -3.31
N ALA A 185 29.00 0.22 -1.98
CA ALA A 185 27.90 -0.43 -1.30
C ALA A 185 26.59 0.23 -1.67
N MET A 186 26.62 1.55 -1.83
CA MET A 186 25.43 2.25 -2.31
C MET A 186 25.06 1.78 -3.71
N GLY A 187 26.06 1.53 -4.56
CA GLY A 187 25.73 0.99 -5.86
C GLY A 187 25.17 -0.42 -5.78
N LYS A 188 25.71 -1.24 -4.88
CA LYS A 188 25.25 -2.61 -4.75
C LYS A 188 23.79 -2.67 -4.28
N THR A 189 23.45 -1.88 -3.27
CA THR A 189 22.11 -1.83 -2.69
C THR A 189 21.35 -0.61 -3.18
N THR A 190 20.15 -0.81 -3.71
CA THR A 190 19.37 0.34 -4.14
C THR A 190 18.62 0.95 -2.95
N THR A 191 18.26 2.23 -3.09
CA THR A 191 17.52 2.93 -2.05
C THR A 191 16.17 2.28 -1.77
N GLY A 192 15.57 1.66 -2.79
CA GLY A 192 14.32 0.97 -2.59
C GLY A 192 14.42 -0.15 -1.57
N GLN A 193 15.53 -0.88 -1.60
CA GLN A 193 15.71 -1.97 -0.64
C GLN A 193 15.75 -1.44 0.79
N ILE A 194 16.45 -0.34 1.02
CA ILE A 194 16.55 0.20 2.38
C ILE A 194 15.21 0.77 2.84
N VAL A 195 14.49 1.43 1.93
CA VAL A 195 13.17 1.95 2.28
C VAL A 195 12.22 0.81 2.58
N ASN A 196 12.35 -0.30 1.86
CA ASN A 196 11.57 -1.49 2.14
C ASN A 196 11.93 -2.07 3.50
N LEU A 197 13.22 -2.02 3.85
CA LEU A 197 13.65 -2.48 5.17
C LEU A 197 12.93 -1.70 6.26
N LEU A 198 12.85 -0.39 6.10
CA LEU A 198 12.13 0.42 7.09
C LEU A 198 10.62 0.27 7.00
N SER A 199 10.08 -0.21 5.87
CA SER A 199 8.64 -0.17 5.68
C SER A 199 7.98 -1.49 6.09
N ASN A 200 8.36 -2.60 5.48
CA ASN A 200 7.69 -3.86 5.75
C ASN A 200 8.57 -4.89 6.47
N ASP A 201 9.89 -4.79 6.33
CA ASP A 201 10.79 -5.75 6.97
C ASP A 201 10.97 -5.53 8.47
N VAL A 202 10.64 -4.35 8.99
CA VAL A 202 10.82 -4.10 10.43
C VAL A 202 9.52 -4.18 11.22
N ASN A 203 8.37 -4.11 10.56
CA ASN A 203 7.11 -4.20 11.27
C ASN A 203 6.87 -5.58 11.88
N LYS A 204 7.59 -6.60 11.44
CA LYS A 204 7.41 -7.93 12.01
C LYS A 204 7.73 -7.94 13.50
N PHE A 205 8.66 -7.09 13.94
CA PHE A 205 8.97 -7.01 15.36
C PHE A 205 7.81 -6.49 16.18
N ASP A 206 6.83 -5.84 15.55
CA ASP A 206 5.63 -5.44 16.26
C ASP A 206 4.69 -6.60 16.50
N GLN A 207 4.92 -7.74 15.87
CA GLN A 207 4.00 -8.88 15.95
C GLN A 207 4.57 -10.05 16.73
N VAL A 208 5.83 -10.41 16.50
CA VAL A 208 6.40 -11.60 17.14
C VAL A 208 6.29 -11.49 18.65
N THR A 209 6.61 -10.31 19.19
CA THR A 209 6.59 -10.10 20.63
C THR A 209 5.23 -10.39 21.24
N VAL A 210 4.16 -10.30 20.45
CA VAL A 210 2.82 -10.55 20.98
C VAL A 210 2.68 -12.00 21.43
N PHE A 211 3.27 -12.93 20.68
CA PHE A 211 3.04 -14.34 20.94
C PHE A 211 4.29 -15.12 21.34
N LEU A 212 5.42 -14.44 21.52
CA LEU A 212 6.68 -15.14 21.78
C LEU A 212 6.58 -16.04 23.00
N HIS A 213 6.00 -15.53 24.08
CA HIS A 213 5.91 -16.32 25.30
C HIS A 213 5.10 -17.59 25.09
N PHE A 214 4.12 -17.58 24.18
CA PHE A 214 3.35 -18.78 23.94
C PHE A 214 4.23 -19.95 23.48
N LEU A 215 5.42 -19.67 22.94
CA LEU A 215 6.32 -20.75 22.57
C LEU A 215 6.57 -21.71 23.73
N TRP A 216 6.58 -21.20 24.96
CA TRP A 216 6.64 -22.09 26.11
C TRP A 216 5.32 -22.20 26.85
N ALA A 217 4.36 -21.32 26.56
CA ALA A 217 3.09 -21.38 27.28
C ALA A 217 2.15 -22.41 26.65
N GLY A 218 2.13 -22.49 25.33
CA GLY A 218 1.27 -23.42 24.64
C GLY A 218 1.49 -24.89 24.96
N PRO A 219 2.68 -25.42 24.67
CA PRO A 219 2.93 -26.84 24.95
C PRO A 219 2.77 -27.20 26.41
N LEU A 220 3.11 -26.27 27.30
CA LEU A 220 3.04 -26.56 28.72
C LEU A 220 1.59 -26.61 29.11
N GLN A 221 0.86 -25.55 28.83
CA GLN A 221 -0.54 -25.53 29.20
C GLN A 221 -1.21 -26.77 28.65
N ALA A 222 -0.94 -27.09 27.37
CA ALA A 222 -1.55 -28.28 26.79
C ALA A 222 -1.32 -29.50 27.66
N ILE A 223 -0.06 -29.72 28.07
CA ILE A 223 0.25 -30.86 28.91
C ILE A 223 -0.60 -30.84 30.17
N ALA A 224 -0.64 -29.69 30.85
CA ALA A 224 -1.44 -29.56 32.05
C ALA A 224 -2.89 -29.94 31.79
N VAL A 225 -3.47 -29.41 30.72
CA VAL A 225 -4.85 -29.72 30.41
C VAL A 225 -5.03 -31.23 30.31
N THR A 226 -4.15 -31.90 29.57
CA THR A 226 -4.25 -33.34 29.44
C THR A 226 -4.30 -34.01 30.80
N ALA A 227 -3.37 -33.63 31.69
CA ALA A 227 -3.36 -34.20 33.02
C ALA A 227 -4.72 -34.03 33.69
N LEU A 228 -5.23 -32.79 33.71
CA LEU A 228 -6.52 -32.57 34.35
C LEU A 228 -7.58 -33.44 33.70
N LEU A 229 -7.60 -33.47 32.36
CA LEU A 229 -8.61 -34.26 31.66
C LEU A 229 -8.54 -35.72 32.09
N TRP A 230 -7.32 -36.26 32.20
CA TRP A 230 -7.17 -37.63 32.66
C TRP A 230 -7.85 -37.81 34.01
N MET A 231 -7.51 -36.94 34.96
CA MET A 231 -8.06 -37.06 36.30
C MET A 231 -9.58 -37.00 36.30
N GLU A 232 -10.19 -36.47 35.25
CA GLU A 232 -11.63 -36.48 35.17
C GLU A 232 -12.16 -37.76 34.53
N ILE A 233 -11.60 -38.15 33.39
CA ILE A 233 -12.25 -39.16 32.58
C ILE A 233 -11.27 -40.25 32.15
N GLY A 234 -10.05 -40.18 32.65
CA GLY A 234 -9.10 -41.23 32.32
C GLY A 234 -8.64 -41.20 30.87
N ILE A 235 -8.22 -42.37 30.41
CA ILE A 235 -7.56 -42.48 29.10
C ILE A 235 -8.43 -41.97 27.97
N SER A 236 -9.75 -41.97 28.16
CA SER A 236 -10.61 -41.45 27.09
C SER A 236 -10.24 -40.04 26.70
N CYS A 237 -9.82 -39.21 27.68
CA CYS A 237 -9.43 -37.84 27.37
C CYS A 237 -8.37 -37.80 26.28
N LEU A 238 -7.41 -38.72 26.37
CA LEU A 238 -6.33 -38.76 25.39
C LEU A 238 -6.88 -38.78 23.98
N ALA A 239 -7.92 -39.57 23.74
CA ALA A 239 -8.51 -39.66 22.41
C ALA A 239 -8.85 -38.27 21.87
N GLY A 240 -9.58 -37.48 22.66
CA GLY A 240 -9.88 -36.13 22.22
C GLY A 240 -8.64 -35.34 21.92
N MET A 241 -7.66 -35.41 22.83
CA MET A 241 -6.39 -34.73 22.61
C MET A 241 -5.77 -35.14 21.29
N ALA A 242 -5.85 -36.43 20.95
CA ALA A 242 -5.28 -36.90 19.70
C ALA A 242 -5.84 -36.11 18.53
N VAL A 243 -7.15 -35.92 18.49
CA VAL A 243 -7.75 -35.17 17.39
C VAL A 243 -7.16 -33.78 17.34
N LEU A 244 -7.03 -33.13 18.51
CA LEU A 244 -6.45 -31.80 18.53
C LEU A 244 -5.06 -31.81 17.91
N ILE A 245 -4.25 -32.82 18.24
CA ILE A 245 -2.92 -32.91 17.64
C ILE A 245 -3.05 -33.04 16.13
N ILE A 246 -3.97 -33.89 15.67
CA ILE A 246 -4.17 -34.06 14.23
C ILE A 246 -4.54 -32.75 13.58
N LEU A 247 -5.19 -31.86 14.35
CA LEU A 247 -5.62 -30.58 13.80
C LEU A 247 -4.46 -29.65 13.48
N LEU A 248 -3.28 -29.90 14.04
CA LEU A 248 -2.16 -29.00 13.84
C LEU A 248 -1.50 -29.16 12.47
N PRO A 249 -1.04 -30.37 12.07
CA PRO A 249 -0.38 -30.48 10.77
C PRO A 249 -1.34 -30.22 9.62
N LEU A 250 -2.47 -30.93 9.62
CA LEU A 250 -3.37 -30.93 8.47
C LEU A 250 -3.74 -29.51 8.06
N GLN A 251 -4.22 -28.72 9.02
CA GLN A 251 -4.56 -27.33 8.71
C GLN A 251 -3.35 -26.61 8.12
N SER A 252 -2.20 -26.71 8.78
CA SER A 252 -0.98 -26.11 8.24
C SER A 252 -0.74 -26.59 6.82
N CYS A 253 -0.90 -27.89 6.60
CA CYS A 253 -0.74 -28.45 5.27
C CYS A 253 -1.66 -27.74 4.28
N PHE A 254 -2.95 -27.64 4.62
CA PHE A 254 -3.86 -26.92 3.74
C PHE A 254 -3.39 -25.49 3.52
N GLY A 255 -2.89 -24.85 4.57
CA GLY A 255 -2.38 -23.50 4.42
C GLY A 255 -1.32 -23.42 3.34
N LYS A 256 -0.40 -24.38 3.31
CA LYS A 256 0.60 -24.41 2.26
C LYS A 256 -0.05 -24.41 0.89
N LEU A 257 -1.02 -25.32 0.68
CA LEU A 257 -1.74 -25.34 -0.58
C LEU A 257 -2.34 -23.97 -0.87
N PHE A 258 -2.96 -23.37 0.15
CA PHE A 258 -3.48 -22.02 0.04
C PHE A 258 -2.46 -21.09 -0.61
N SER A 259 -1.26 -21.02 -0.02
CA SER A 259 -0.24 -20.12 -0.54
C SER A 259 0.00 -20.38 -2.01
N SER A 260 0.13 -21.66 -2.39
CA SER A 260 0.38 -21.98 -3.79
C SER A 260 -0.65 -21.34 -4.68
N LEU A 261 -1.93 -21.54 -4.37
CA LEU A 261 -2.99 -20.97 -5.19
C LEU A 261 -2.84 -19.46 -5.27
N ARG A 262 -2.58 -18.83 -4.12
CA ARG A 262 -2.41 -17.38 -4.09
C ARG A 262 -1.38 -16.94 -5.12
N SER A 263 -0.24 -17.63 -5.14
CA SER A 263 0.82 -17.24 -6.07
C SER A 263 0.30 -17.16 -7.48
N LYS A 264 -0.41 -18.20 -7.93
CA LYS A 264 -0.92 -18.20 -9.29
C LYS A 264 -1.79 -16.98 -9.54
N THR A 265 -2.75 -16.73 -8.63
CA THR A 265 -3.63 -15.58 -8.80
C THR A 265 -2.82 -14.31 -8.96
N ALA A 266 -1.77 -14.17 -8.14
CA ALA A 266 -0.96 -12.96 -8.19
C ALA A 266 -0.51 -12.67 -9.62
N THR A 267 0.03 -13.69 -10.29
CA THR A 267 0.52 -13.48 -11.66
C THR A 267 -0.60 -12.91 -12.53
N PHE A 268 -1.75 -13.57 -12.53
CA PHE A 268 -2.87 -13.09 -13.33
C PHE A 268 -3.19 -11.64 -12.97
N THR A 269 -3.32 -11.36 -11.68
CA THR A 269 -3.62 -10.00 -11.26
C THR A 269 -2.64 -9.02 -11.87
N ASP A 270 -1.34 -9.31 -11.73
CA ASP A 270 -0.35 -8.39 -12.27
C ASP A 270 -0.61 -8.15 -13.74
N ALA A 271 -0.77 -9.22 -14.51
CA ALA A 271 -1.04 -9.07 -15.93
C ALA A 271 -2.24 -8.17 -16.15
N ARG A 272 -3.36 -8.48 -15.49
CA ARG A 272 -4.55 -7.66 -15.64
C ARG A 272 -4.24 -6.22 -15.29
N ILE A 273 -3.59 -6.01 -14.15
CA ILE A 273 -3.28 -4.64 -13.73
C ILE A 273 -2.45 -3.94 -14.78
N ARG A 274 -1.45 -4.65 -15.33
CA ARG A 274 -0.64 -4.06 -16.38
C ARG A 274 -1.53 -3.55 -17.50
N THR A 275 -2.43 -4.41 -17.98
CA THR A 275 -3.32 -3.99 -19.05
C THR A 275 -4.19 -2.83 -18.58
N MET A 276 -4.65 -2.89 -17.33
CA MET A 276 -5.38 -1.77 -16.76
C MET A 276 -4.61 -0.47 -16.94
N ASN A 277 -3.34 -0.47 -16.55
CA ASN A 277 -2.54 0.72 -16.76
C ASN A 277 -2.53 1.10 -18.23
N GLU A 278 -2.25 0.11 -19.09
CA GLU A 278 -2.20 0.35 -20.52
C GLU A 278 -3.53 0.85 -21.08
N VAL A 279 -4.66 0.52 -20.44
CA VAL A 279 -5.91 1.07 -20.95
C VAL A 279 -6.13 2.49 -20.41
N ILE A 280 -5.83 2.72 -19.12
CA ILE A 280 -6.19 4.01 -18.53
C ILE A 280 -5.25 5.12 -19.00
N THR A 281 -3.95 4.86 -19.07
CA THR A 281 -3.03 5.90 -19.49
C THR A 281 -3.30 6.31 -20.93
N GLY A 282 -3.54 5.33 -21.79
CA GLY A 282 -3.80 5.61 -23.20
C GLY A 282 -5.26 5.43 -23.57
N ILE A 283 -6.17 5.84 -22.68
CA ILE A 283 -7.59 5.64 -22.94
C ILE A 283 -8.02 6.50 -24.12
N ARG A 284 -7.44 7.69 -24.25
CA ARG A 284 -7.78 8.55 -25.36
C ARG A 284 -7.47 7.84 -26.66
N ILE A 285 -6.30 7.20 -26.75
CA ILE A 285 -5.92 6.48 -27.95
C ILE A 285 -6.81 5.27 -28.19
N ILE A 286 -7.16 4.55 -27.13
CA ILE A 286 -7.99 3.35 -27.32
C ILE A 286 -9.34 3.76 -27.91
N LYS A 287 -9.96 4.78 -27.32
CA LYS A 287 -11.21 5.29 -27.87
C LYS A 287 -11.01 5.94 -29.24
N MET A 288 -9.81 6.46 -29.47
CA MET A 288 -9.50 7.11 -30.74
C MET A 288 -9.47 6.10 -31.88
N TYR A 289 -8.96 4.89 -31.63
CA TYR A 289 -8.79 3.89 -32.67
C TYR A 289 -9.94 2.91 -32.83
N ALA A 290 -10.97 3.00 -31.99
CA ALA A 290 -12.09 2.05 -31.98
C ALA A 290 -11.62 0.61 -31.75
N TRP A 291 -10.74 0.44 -30.75
CA TRP A 291 -10.14 -0.82 -30.35
C TRP A 291 -10.66 -1.34 -29.01
N GLU A 292 -11.84 -0.90 -28.59
CA GLU A 292 -12.39 -1.29 -27.29
C GLU A 292 -12.71 -2.78 -27.20
N LYS A 293 -13.07 -3.41 -28.33
CA LYS A 293 -13.44 -4.81 -28.29
C LYS A 293 -12.26 -5.70 -27.91
N SER A 294 -11.07 -5.41 -28.45
CA SER A 294 -9.92 -6.26 -28.18
C SER A 294 -9.54 -6.22 -26.70
N PHE A 295 -9.37 -5.01 -26.14
CA PHE A 295 -9.06 -4.92 -24.73
C PHE A 295 -10.18 -5.44 -23.86
N SER A 296 -11.43 -5.27 -24.29
CA SER A 296 -12.55 -5.81 -23.53
C SER A 296 -12.47 -7.32 -23.41
N ASN A 297 -12.23 -8.01 -24.53
CA ASN A 297 -12.19 -9.46 -24.49
C ASN A 297 -10.94 -9.96 -23.78
N LEU A 298 -9.81 -9.25 -23.93
CA LEU A 298 -8.60 -9.65 -23.23
C LEU A 298 -8.79 -9.55 -21.72
N ILE A 299 -9.36 -8.44 -21.25
CA ILE A 299 -9.61 -8.29 -19.83
C ILE A 299 -10.66 -9.30 -19.36
N THR A 300 -11.65 -9.61 -20.20
CA THR A 300 -12.64 -10.61 -19.81
C THR A 300 -11.98 -11.97 -19.58
N ASN A 301 -11.08 -12.37 -20.47
CA ASN A 301 -10.39 -13.64 -20.31
C ASN A 301 -9.53 -13.65 -19.05
N LEU A 302 -8.75 -12.58 -18.85
CA LEU A 302 -7.90 -12.51 -17.67
C LEU A 302 -8.73 -12.55 -16.39
N ARG A 303 -9.83 -11.81 -16.36
CA ARG A 303 -10.69 -11.79 -15.18
C ARG A 303 -11.33 -13.14 -14.95
N LYS A 304 -11.69 -13.85 -16.02
CA LYS A 304 -12.28 -15.18 -15.86
C LYS A 304 -11.29 -16.14 -15.22
N LYS A 305 -10.05 -16.13 -15.70
CA LYS A 305 -9.03 -17.01 -15.10
C LYS A 305 -8.78 -16.62 -13.65
N GLU A 306 -8.68 -15.32 -13.38
CA GLU A 306 -8.43 -14.87 -12.01
C GLU A 306 -9.58 -15.25 -11.09
N ILE A 307 -10.82 -15.15 -11.57
CA ILE A 307 -11.94 -15.45 -10.70
C ILE A 307 -12.06 -16.95 -10.48
N SER A 308 -11.61 -17.77 -11.43
CA SER A 308 -11.56 -19.21 -11.18
C SER A 308 -10.54 -19.55 -10.09
N LYS A 309 -9.33 -19.02 -10.20
CA LYS A 309 -8.33 -19.29 -9.17
C LYS A 309 -8.76 -18.73 -7.81
N ILE A 310 -9.36 -17.55 -7.81
CA ILE A 310 -9.81 -16.97 -6.54
C ILE A 310 -10.92 -17.81 -5.93
N LEU A 311 -11.82 -18.35 -6.76
CA LEU A 311 -12.87 -19.21 -6.23
C LEU A 311 -12.28 -20.46 -5.60
N ARG A 312 -11.28 -21.07 -6.23
CA ARG A 312 -10.65 -22.24 -5.61
C ARG A 312 -10.01 -21.87 -4.26
N SER A 313 -9.28 -20.75 -4.23
CA SER A 313 -8.65 -20.34 -2.98
C SER A 313 -9.68 -20.01 -1.91
N SER A 314 -10.78 -19.38 -2.30
CA SER A 314 -11.84 -19.04 -1.35
C SER A 314 -12.51 -20.29 -0.82
N CYS A 315 -12.70 -21.29 -1.67
CA CYS A 315 -13.24 -22.56 -1.18
C CYS A 315 -12.32 -23.18 -0.14
N LEU A 316 -11.00 -23.16 -0.40
CA LEU A 316 -10.08 -23.71 0.60
C LEU A 316 -10.15 -22.95 1.91
N ARG A 317 -10.19 -21.61 1.85
CA ARG A 317 -10.23 -20.83 3.09
C ARG A 317 -11.55 -21.02 3.83
N GLY A 318 -12.66 -21.14 3.09
CA GLY A 318 -13.93 -21.42 3.72
C GLY A 318 -13.97 -22.78 4.37
N MET A 319 -13.35 -23.77 3.72
CA MET A 319 -13.24 -25.08 4.33
C MET A 319 -12.45 -25.00 5.62
N ASN A 320 -11.37 -24.22 5.64
CA ASN A 320 -10.60 -24.07 6.87
C ASN A 320 -11.44 -23.42 7.98
N LEU A 321 -12.21 -22.39 7.63
CA LEU A 321 -13.04 -21.73 8.64
C LEU A 321 -14.12 -22.65 9.18
N ALA A 322 -14.77 -23.42 8.30
CA ALA A 322 -15.79 -24.37 8.74
C ALA A 322 -15.19 -25.48 9.60
N SER A 323 -14.00 -25.95 9.23
CA SER A 323 -13.33 -26.97 10.01
C SER A 323 -13.05 -26.49 11.42
N PHE A 324 -12.55 -25.26 11.57
CA PHE A 324 -12.30 -24.77 12.92
CA PHE A 324 -12.31 -24.84 12.94
C PHE A 324 -13.60 -24.52 13.67
N PHE A 325 -14.64 -24.09 12.97
CA PHE A 325 -15.91 -23.83 13.65
C PHE A 325 -16.47 -25.11 14.25
N SER A 326 -16.27 -26.23 13.57
CA SER A 326 -16.84 -27.49 14.05
C SER A 326 -15.81 -28.38 14.75
N ALA A 327 -14.59 -27.88 14.92
CA ALA A 327 -13.55 -28.67 15.59
C ALA A 327 -13.88 -29.04 17.03
N SER A 328 -14.46 -28.11 17.79
CA SER A 328 -14.80 -28.41 19.17
C SER A 328 -15.78 -29.57 19.27
N LYS A 329 -16.80 -29.56 18.41
CA LYS A 329 -17.75 -30.66 18.40
C LYS A 329 -17.11 -31.98 18.02
N ILE A 330 -16.23 -31.98 17.02
CA ILE A 330 -15.59 -33.23 16.65
C ILE A 330 -14.77 -33.78 17.82
N ILE A 331 -14.00 -32.90 18.48
CA ILE A 331 -13.17 -33.34 19.60
C ILE A 331 -14.03 -33.91 20.72
N VAL A 332 -15.07 -33.16 21.09
CA VAL A 332 -15.92 -33.59 22.20
C VAL A 332 -16.64 -34.89 21.86
N PHE A 333 -17.14 -35.00 20.63
CA PHE A 333 -17.84 -36.21 20.22
C PHE A 333 -16.92 -37.41 20.28
N VAL A 334 -15.70 -37.29 19.75
CA VAL A 334 -14.79 -38.44 19.76
C VAL A 334 -14.48 -38.85 21.20
N THR A 335 -14.08 -37.88 22.04
CA THR A 335 -13.66 -38.23 23.39
C THR A 335 -14.80 -38.83 24.19
N PHE A 336 -16.02 -38.32 24.02
CA PHE A 336 -17.10 -38.84 24.86
C PHE A 336 -17.73 -40.10 24.29
N THR A 337 -17.67 -40.30 22.97
CA THR A 337 -18.01 -41.61 22.44
C THR A 337 -17.04 -42.66 22.98
N THR A 338 -15.75 -42.35 23.03
CA THR A 338 -14.81 -43.28 23.65
C THR A 338 -15.15 -43.48 25.12
N TYR A 339 -15.53 -42.40 25.81
CA TYR A 339 -15.85 -42.49 27.24
C TYR A 339 -17.02 -43.44 27.48
N VAL A 340 -18.11 -43.27 26.73
CA VAL A 340 -19.29 -44.11 26.95
C VAL A 340 -19.03 -45.54 26.49
N LEU A 341 -18.37 -45.70 25.33
CA LEU A 341 -18.17 -47.05 24.81
C LEU A 341 -17.27 -47.89 25.70
N LEU A 342 -16.51 -47.28 26.61
CA LEU A 342 -15.67 -48.03 27.52
C LEU A 342 -16.42 -48.52 28.75
N GLY A 343 -17.72 -48.24 28.84
CA GLY A 343 -18.52 -48.69 29.96
C GLY A 343 -18.80 -47.66 31.03
N SER A 344 -18.42 -46.41 30.81
CA SER A 344 -18.66 -45.39 31.83
C SER A 344 -20.02 -44.75 31.63
N VAL A 345 -20.45 -44.00 32.65
CA VAL A 345 -21.72 -43.29 32.65
C VAL A 345 -21.42 -41.81 32.80
N ILE A 346 -21.94 -41.01 31.88
CA ILE A 346 -21.60 -39.60 31.83
C ILE A 346 -22.40 -38.82 32.84
N THR A 347 -21.77 -37.81 33.43
CA THR A 347 -22.37 -36.92 34.41
C THR A 347 -22.07 -35.49 33.99
N ALA A 348 -22.94 -34.57 34.43
CA ALA A 348 -22.84 -33.18 33.97
C ALA A 348 -21.52 -32.55 34.38
N SER A 349 -21.07 -32.78 35.61
CA SER A 349 -19.85 -32.14 36.07
C SER A 349 -18.66 -32.54 35.23
N ARG A 350 -18.43 -33.84 35.06
CA ARG A 350 -17.29 -34.28 34.27
C ARG A 350 -17.43 -33.89 32.80
N VAL A 351 -18.62 -34.00 32.24
CA VAL A 351 -18.80 -33.67 30.82
C VAL A 351 -18.44 -32.22 30.57
N PHE A 352 -18.94 -31.30 31.41
CA PHE A 352 -18.70 -29.89 31.12
C PHE A 352 -17.32 -29.43 31.56
N VAL A 353 -16.71 -30.08 32.55
CA VAL A 353 -15.31 -29.82 32.81
C VAL A 353 -14.47 -30.18 31.60
N ALA A 354 -14.73 -31.35 31.01
CA ALA A 354 -14.00 -31.74 29.82
C ALA A 354 -14.26 -30.80 28.66
N VAL A 355 -15.52 -30.36 28.50
CA VAL A 355 -15.85 -29.45 27.40
C VAL A 355 -15.09 -28.14 27.54
N THR A 356 -15.10 -27.56 28.74
CA THR A 356 -14.42 -26.29 28.92
C THR A 356 -12.91 -26.41 28.75
N LEU A 357 -12.32 -27.46 29.31
CA LEU A 357 -10.88 -27.65 29.16
C LEU A 357 -10.51 -27.86 27.71
N TYR A 358 -11.31 -28.65 26.98
CA TYR A 358 -11.04 -28.86 25.56
C TYR A 358 -11.16 -27.56 24.78
N GLY A 359 -12.16 -26.73 25.09
CA GLY A 359 -12.28 -25.46 24.40
C GLY A 359 -11.08 -24.57 24.60
N ALA A 360 -10.65 -24.44 25.86
CA ALA A 360 -9.50 -23.58 26.15
C ALA A 360 -8.23 -24.09 25.46
N VAL A 361 -7.95 -25.38 25.62
CA VAL A 361 -6.72 -25.92 25.06
C VAL A 361 -6.76 -25.93 23.54
N ARG A 362 -7.93 -26.14 22.94
CA ARG A 362 -8.02 -26.09 21.49
C ARG A 362 -7.77 -24.69 20.98
N LEU A 363 -8.38 -23.68 21.62
CA LEU A 363 -8.11 -22.32 21.18
C LEU A 363 -6.63 -22.00 21.25
N THR A 364 -5.99 -22.34 22.38
CA THR A 364 -4.55 -22.11 22.50
C THR A 364 -3.79 -22.83 21.39
N VAL A 365 -3.88 -24.16 21.36
CA VAL A 365 -3.04 -24.98 20.49
C VAL A 365 -3.27 -24.66 19.02
N THR A 366 -4.51 -24.38 18.65
CA THR A 366 -4.83 -24.19 17.24
C THR A 366 -4.85 -22.73 16.78
N LEU A 367 -4.71 -21.77 17.68
CA LEU A 367 -4.67 -20.38 17.23
C LEU A 367 -3.36 -19.70 17.61
N PHE A 368 -2.96 -19.78 18.87
CA PHE A 368 -1.82 -18.99 19.32
C PHE A 368 -0.50 -19.66 18.95
N PHE A 369 -0.39 -20.95 19.21
CA PHE A 369 0.88 -21.65 18.95
C PHE A 369 1.27 -21.61 17.48
N PRO A 370 0.40 -21.98 16.51
CA PRO A 370 0.83 -21.87 15.12
C PRO A 370 1.11 -20.44 14.70
N SER A 371 0.32 -19.49 15.22
CA SER A 371 0.62 -18.08 14.96
C SER A 371 1.95 -17.69 15.57
N ALA A 372 2.25 -18.19 16.77
CA ALA A 372 3.54 -17.89 17.37
C ALA A 372 4.67 -18.41 16.51
N ILE A 373 4.55 -19.63 15.99
CA ILE A 373 5.59 -20.19 15.14
C ILE A 373 5.75 -19.36 13.87
N GLU A 374 4.62 -19.01 13.24
CA GLU A 374 4.69 -18.26 12.00
C GLU A 374 5.33 -16.90 12.20
N ARG A 375 4.92 -16.17 13.23
CA ARG A 375 5.50 -14.86 13.49
C ARG A 375 6.96 -14.96 13.89
N VAL A 376 7.34 -15.99 14.63
CA VAL A 376 8.73 -16.16 14.99
C VAL A 376 9.57 -16.43 13.75
N SER A 377 9.09 -17.27 12.84
CA SER A 377 9.84 -17.51 11.61
C SER A 377 9.96 -16.25 10.77
N GLU A 378 8.87 -15.49 10.65
CA GLU A 378 8.93 -14.25 9.88
C GLU A 378 9.90 -13.27 10.52
N ALA A 379 9.86 -13.14 11.85
CA ALA A 379 10.79 -12.26 12.53
C ALA A 379 12.22 -12.74 12.39
N ILE A 380 12.44 -14.06 12.37
CA ILE A 380 13.79 -14.57 12.20
C ILE A 380 14.33 -14.22 10.83
N VAL A 381 13.52 -14.39 9.79
CA VAL A 381 14.01 -14.04 8.46
C VAL A 381 14.22 -12.53 8.35
N SER A 382 13.36 -11.75 9.00
CA SER A 382 13.54 -10.30 9.02
C SER A 382 14.82 -9.91 9.73
N ILE A 383 15.11 -10.54 10.86
CA ILE A 383 16.34 -10.27 11.59
C ILE A 383 17.54 -10.66 10.74
N ARG A 384 17.45 -11.78 10.02
CA ARG A 384 18.55 -12.18 9.15
C ARG A 384 18.81 -11.14 8.08
N ARG A 385 17.74 -10.65 7.44
CA ARG A 385 17.88 -9.65 6.40
C ARG A 385 18.43 -8.33 6.96
N ILE A 386 17.90 -7.89 8.09
CA ILE A 386 18.35 -6.64 8.70
C ILE A 386 19.80 -6.79 9.14
N GLN A 387 20.17 -7.98 9.63
CA GLN A 387 21.53 -8.21 10.06
C GLN A 387 22.47 -8.17 8.87
N THR A 388 22.11 -8.82 7.77
CA THR A 388 22.98 -8.78 6.60
C THR A 388 23.04 -7.37 6.03
N PHE A 389 22.04 -6.53 6.34
CA PHE A 389 22.21 -5.12 6.01
C PHE A 389 23.16 -4.44 6.98
N LEU A 390 23.08 -4.76 8.28
CA LEU A 390 23.93 -4.02 9.19
C LEU A 390 25.38 -4.44 8.99
N LEU A 391 25.59 -5.65 8.47
CA LEU A 391 26.89 -6.15 8.12
C LEU A 391 27.19 -5.85 6.66
N LEU A 392 26.28 -5.15 6.00
CA LEU A 392 26.53 -4.70 4.64
C LEU A 392 27.77 -3.86 4.72
N ASP A 393 28.65 -4.01 3.74
CA ASP A 393 29.91 -3.30 3.85
C ASP A 393 29.67 -1.81 3.93
N GLU A 394 30.35 -1.21 4.88
CA GLU A 394 30.25 0.20 5.20
C GLU A 394 31.46 0.80 4.52
N ILE A 395 31.49 2.11 4.38
CA ILE A 395 32.67 2.65 3.71
C ILE A 395 33.88 2.25 4.55
N SER A 396 34.90 1.75 3.86
CA SER A 396 36.15 1.40 4.52
C SER A 396 36.58 2.64 5.26
N GLN A 397 36.92 2.50 6.52
CA GLN A 397 36.25 3.28 7.57
C GLN A 397 36.44 4.74 7.25
N ARG A 398 35.31 5.43 7.05
CA ARG A 398 35.49 6.82 6.74
C ARG A 398 36.14 7.52 7.92
N ASN A 399 37.40 7.81 7.65
CA ASN A 399 38.32 8.46 8.55
C ASN A 399 37.94 9.90 8.80
N ARG A 400 38.15 10.35 10.03
CA ARG A 400 37.88 11.74 10.34
C ARG A 400 38.90 12.46 9.46
N GLN A 401 38.52 13.59 8.88
CA GLN A 401 39.45 14.20 7.94
C GLN A 401 40.76 14.54 8.63
N LEU A 402 41.85 14.42 7.85
CA LEU A 402 43.18 14.75 8.30
C LEU A 402 43.34 16.23 8.63
N PRO A 403 44.36 16.56 9.45
CA PRO A 403 44.51 17.93 9.99
C PRO A 403 44.18 19.03 9.00
N SER A 404 43.20 19.87 9.32
CA SER A 404 42.93 21.04 8.51
C SER A 404 43.81 22.20 8.99
N ASP A 405 45.12 22.01 8.83
CA ASP A 405 46.09 22.96 9.35
C ASP A 405 46.23 24.23 8.50
N GLY A 406 45.17 25.02 8.42
CA GLY A 406 45.26 26.32 7.79
C GLY A 406 45.63 26.44 6.32
N LYS A 407 46.15 25.37 5.73
CA LYS A 407 46.49 25.29 4.32
C LYS A 407 45.46 24.54 3.48
N LYS A 408 45.61 24.69 2.18
CA LYS A 408 44.70 24.18 1.16
C LYS A 408 45.53 23.43 0.14
N MET A 409 46.55 22.72 0.66
CA MET A 409 47.47 21.89 -0.09
C MET A 409 46.82 20.55 -0.42
N VAL A 410 46.47 20.39 -1.69
CA VAL A 410 45.90 19.17 -2.27
C VAL A 410 46.73 18.83 -3.51
N HIS A 411 47.14 17.57 -3.64
CA HIS A 411 47.82 17.21 -4.87
C HIS A 411 47.58 15.75 -5.22
N VAL A 412 47.28 15.60 -6.50
CA VAL A 412 46.98 14.33 -7.15
C VAL A 412 48.10 13.97 -8.12
N GLN A 413 48.75 12.83 -7.87
CA GLN A 413 49.90 12.35 -8.64
C GLN A 413 49.67 10.86 -8.89
N ASP A 414 49.23 10.54 -10.12
CA ASP A 414 49.07 9.19 -10.67
C ASP A 414 48.23 8.33 -9.72
N PHE A 415 47.02 8.83 -9.50
CA PHE A 415 46.01 8.22 -8.65
C PHE A 415 45.15 7.23 -9.47
N THR A 416 45.25 5.92 -9.18
CA THR A 416 44.37 4.95 -9.87
C THR A 416 43.22 4.29 -9.09
N ALA A 417 42.36 5.07 -8.43
CA ALA A 417 41.30 4.58 -7.56
C ALA A 417 40.01 5.13 -8.13
N PHE A 418 39.01 4.26 -8.35
CA PHE A 418 37.75 4.77 -8.87
C PHE A 418 36.54 4.41 -8.00
N TRP A 419 35.36 4.52 -8.60
CA TRP A 419 34.13 4.09 -7.95
C TRP A 419 34.17 2.60 -7.63
N ASP A 420 34.63 1.80 -8.57
CA ASP A 420 34.84 0.38 -8.34
C ASP A 420 36.32 0.12 -8.56
N LYS A 421 36.98 -0.30 -7.47
CA LYS A 421 38.42 -0.54 -7.47
C LYS A 421 38.82 -1.65 -8.43
N ALA A 422 38.04 -2.73 -8.47
CA ALA A 422 38.33 -3.86 -9.32
C ALA A 422 38.30 -3.54 -10.82
N SER A 423 37.63 -2.49 -11.25
CA SER A 423 37.62 -2.19 -12.68
C SER A 423 38.98 -1.70 -13.19
N GLU A 424 39.43 -2.33 -14.27
CA GLU A 424 40.67 -2.06 -14.99
C GLU A 424 40.64 -0.79 -15.83
N THR A 425 39.46 -0.33 -16.24
CA THR A 425 39.38 0.88 -17.06
C THR A 425 39.62 2.13 -16.23
N PRO A 426 40.61 2.95 -16.59
CA PRO A 426 40.90 4.15 -15.81
C PRO A 426 39.84 5.23 -15.98
N THR A 427 39.33 5.73 -14.86
CA THR A 427 38.44 6.87 -14.82
C THR A 427 39.18 8.17 -14.57
N LEU A 428 40.17 8.14 -13.66
CA LEU A 428 40.97 9.32 -13.36
C LEU A 428 42.34 8.89 -12.88
N GLN A 429 43.37 9.48 -13.49
CA GLN A 429 44.79 9.28 -13.21
C GLN A 429 45.48 10.24 -14.16
N GLY A 430 46.79 10.39 -14.09
CA GLY A 430 47.42 11.39 -14.94
C GLY A 430 47.24 12.76 -14.33
N LEU A 431 46.06 12.97 -13.74
CA LEU A 431 45.70 14.21 -13.05
C LEU A 431 46.76 14.43 -12.00
N SER A 432 47.66 15.38 -12.17
CA SER A 432 48.64 15.56 -11.11
C SER A 432 48.95 17.04 -10.98
N PHE A 433 48.32 17.66 -9.97
CA PHE A 433 48.51 19.07 -9.70
C PHE A 433 48.48 19.34 -8.21
N THR A 434 48.95 20.55 -7.85
CA THR A 434 49.03 21.00 -6.47
C THR A 434 48.21 22.27 -6.22
N VAL A 435 47.41 22.27 -5.18
CA VAL A 435 46.61 23.42 -4.73
C VAL A 435 47.23 23.91 -3.43
N ARG A 436 47.38 25.23 -3.33
CA ARG A 436 47.88 26.26 -2.44
C ARG A 436 46.72 26.97 -1.73
N PRO A 437 47.01 27.46 -0.52
CA PRO A 437 46.00 28.18 0.27
C PRO A 437 45.61 29.54 -0.31
N GLY A 438 44.29 29.73 -0.46
CA GLY A 438 43.71 30.95 -0.97
C GLY A 438 43.54 31.11 -2.46
N GLU A 439 44.17 30.29 -3.29
CA GLU A 439 44.01 30.54 -4.71
C GLU A 439 42.63 30.09 -5.16
N LEU A 440 42.10 30.78 -6.17
CA LEU A 440 40.82 30.44 -6.78
C LEU A 440 41.02 29.61 -8.04
N LEU A 441 40.47 28.39 -8.04
CA LEU A 441 40.44 27.49 -9.18
C LEU A 441 39.01 27.31 -9.67
N ALA A 442 38.87 26.81 -10.90
CA ALA A 442 37.56 26.63 -11.51
C ALA A 442 37.73 25.65 -12.68
N VAL A 443 37.34 24.41 -12.49
CA VAL A 443 37.41 23.42 -13.56
C VAL A 443 36.26 23.59 -14.53
N VAL A 444 36.58 23.71 -15.82
CA VAL A 444 35.58 23.89 -16.87
C VAL A 444 35.85 22.88 -17.99
N GLY A 445 34.79 22.25 -18.49
CA GLY A 445 34.92 21.36 -19.62
C GLY A 445 33.79 20.36 -19.75
N PRO A 446 33.94 19.43 -20.69
CA PRO A 446 32.90 18.42 -20.91
C PRO A 446 32.80 17.49 -19.72
N VAL A 447 31.57 17.01 -19.47
CA VAL A 447 31.28 16.07 -18.38
C VAL A 447 32.42 15.07 -18.26
N GLY A 448 32.79 14.43 -19.36
CA GLY A 448 33.89 13.49 -19.31
C GLY A 448 33.54 12.33 -18.42
N ALA A 449 34.46 12.04 -17.50
CA ALA A 449 34.28 10.94 -16.58
C ALA A 449 34.79 11.25 -15.18
N GLY A 450 35.20 12.48 -14.88
CA GLY A 450 35.64 12.69 -13.52
C GLY A 450 35.36 13.97 -12.78
N LYS A 451 34.44 14.82 -13.25
CA LYS A 451 34.18 16.04 -12.48
C LYS A 451 33.58 15.67 -11.14
N SER A 452 32.85 14.56 -11.14
CA SER A 452 32.26 14.04 -9.91
C SER A 452 33.39 13.66 -8.98
N SER A 453 34.46 13.11 -9.55
CA SER A 453 35.62 12.74 -8.74
C SER A 453 36.25 14.00 -8.14
N LEU A 454 36.39 15.08 -8.91
CA LEU A 454 36.89 16.31 -8.29
C LEU A 454 35.97 16.78 -7.18
N LEU A 455 34.66 16.57 -7.32
CA LEU A 455 33.74 16.95 -6.26
C LEU A 455 33.97 16.10 -5.02
N SER A 456 34.20 14.81 -5.23
CA SER A 456 34.41 13.79 -4.21
C SER A 456 35.86 13.73 -3.74
N ALA A 457 36.72 14.63 -4.22
CA ALA A 457 38.16 14.80 -3.97
C ALA A 457 38.46 15.19 -2.57
N VAL A 458 37.35 15.13 -1.84
CA VAL A 458 37.28 15.38 -0.41
C VAL A 458 37.31 13.98 0.20
N LEU A 459 37.94 13.05 -0.53
CA LEU A 459 38.07 11.64 -0.14
C LEU A 459 36.72 10.93 -0.11
N GLY A 460 35.80 11.43 -0.94
CA GLY A 460 34.45 10.94 -1.10
C GLY A 460 34.41 9.55 -1.71
N GLU A 461 34.85 9.41 -2.95
CA GLU A 461 34.83 8.13 -3.66
C GLU A 461 36.15 7.86 -4.35
N LEU A 462 37.14 8.74 -4.18
CA LEU A 462 38.40 8.60 -4.89
C LEU A 462 39.55 8.43 -3.90
N ALA A 463 39.41 7.53 -2.93
CA ALA A 463 40.44 7.39 -1.93
C ALA A 463 41.75 7.07 -2.62
N PRO A 464 42.83 7.77 -2.33
CA PRO A 464 44.07 7.60 -3.09
C PRO A 464 44.82 6.28 -2.93
N SER A 465 44.76 5.45 -3.97
CA SER A 465 45.57 4.24 -3.99
C SER A 465 47.06 4.58 -4.10
N HIS A 466 47.39 5.58 -4.92
CA HIS A 466 48.77 6.02 -5.11
C HIS A 466 48.91 7.52 -4.91
N GLY A 467 47.81 8.26 -4.96
CA GLY A 467 47.84 9.69 -4.79
C GLY A 467 47.87 10.02 -3.32
N LEU A 468 47.96 11.30 -3.01
CA LEU A 468 48.02 11.73 -1.62
C LEU A 468 47.56 13.18 -1.63
N VAL A 469 46.31 13.39 -1.22
CA VAL A 469 45.73 14.73 -1.15
C VAL A 469 45.41 15.07 0.30
N SER A 470 46.00 16.17 0.76
CA SER A 470 45.83 16.70 2.11
C SER A 470 44.71 17.74 2.13
N VAL A 471 43.46 17.30 2.08
CA VAL A 471 42.42 18.33 2.11
C VAL A 471 42.28 18.87 3.52
N HIS A 472 42.50 20.17 3.66
CA HIS A 472 42.40 20.92 4.90
C HIS A 472 41.29 21.95 4.77
N GLY A 473 40.49 22.09 5.83
CA GLY A 473 39.49 23.14 5.83
C GLY A 473 38.10 22.58 6.01
N ARG A 474 37.08 23.36 5.71
CA ARG A 474 35.70 22.91 5.81
C ARG A 474 35.11 22.87 4.41
N ILE A 475 34.57 21.71 4.05
CA ILE A 475 34.05 21.46 2.71
C ILE A 475 32.59 21.86 2.59
N ALA A 476 32.27 22.55 1.50
CA ALA A 476 30.92 22.95 1.13
C ALA A 476 30.65 22.33 -0.25
N TYR A 477 30.01 21.16 -0.27
CA TYR A 477 29.80 20.40 -1.50
C TYR A 477 28.42 20.66 -2.05
N VAL A 478 28.35 20.97 -3.35
CA VAL A 478 27.11 21.14 -4.08
C VAL A 478 27.06 20.07 -5.17
N SER A 479 26.00 19.28 -5.18
CA SER A 479 25.89 18.13 -6.07
C SER A 479 25.33 18.55 -7.42
N GLN A 480 25.38 17.62 -8.38
CA GLN A 480 24.73 17.84 -9.66
C GLN A 480 23.26 18.15 -9.47
N GLN A 481 22.54 17.28 -8.76
CA GLN A 481 21.13 17.47 -8.46
C GLN A 481 21.06 18.09 -7.08
N PRO A 482 20.67 19.35 -6.92
CA PRO A 482 20.56 19.91 -5.57
C PRO A 482 19.44 19.22 -4.82
N TRP A 483 19.62 19.13 -3.49
CA TRP A 483 18.69 18.44 -2.61
C TRP A 483 18.23 19.33 -1.47
N VAL A 484 16.95 19.22 -1.13
CA VAL A 484 16.31 19.96 -0.04
C VAL A 484 15.58 18.98 0.86
N PHE A 485 15.96 18.92 2.14
CA PHE A 485 15.37 18.05 3.16
C PHE A 485 14.13 18.64 3.84
N SER A 486 13.42 17.73 4.51
CA SER A 486 12.15 17.98 5.19
C SER A 486 12.39 18.90 6.39
N GLY A 487 11.54 19.91 6.56
CA GLY A 487 11.76 20.84 7.66
C GLY A 487 11.11 22.19 7.36
N THR A 488 11.72 23.24 7.88
CA THR A 488 11.26 24.60 7.64
C THR A 488 12.32 25.30 6.79
N LEU A 489 11.90 26.29 5.97
CA LEU A 489 12.86 26.91 5.08
C LEU A 489 14.05 27.47 5.84
N ARG A 490 13.84 27.84 7.10
CA ARG A 490 14.95 28.25 7.94
C ARG A 490 15.95 27.12 8.08
N SER A 491 15.45 25.88 8.22
CA SER A 491 16.36 24.76 8.39
C SER A 491 17.14 24.44 7.12
N ASN A 492 16.47 24.38 5.96
CA ASN A 492 17.22 24.10 4.74
C ASN A 492 18.22 25.20 4.39
N ILE A 493 17.85 26.47 4.56
CA ILE A 493 18.82 27.54 4.30
C ILE A 493 19.95 27.46 5.32
N LEU A 494 19.56 27.33 6.59
CA LEU A 494 20.43 27.28 7.74
C LEU A 494 21.24 25.99 7.81
N PHE A 495 20.57 24.83 7.72
CA PHE A 495 21.24 23.53 7.75
C PHE A 495 22.05 23.42 9.04
N GLY A 496 21.40 23.73 10.15
CA GLY A 496 22.00 23.65 11.46
C GLY A 496 22.63 24.93 11.95
N LYS A 497 22.89 25.88 11.07
CA LYS A 497 23.50 27.13 11.48
C LYS A 497 22.51 28.00 12.25
N LYS A 498 23.05 28.79 13.16
CA LYS A 498 22.28 29.73 13.96
C LYS A 498 21.74 30.83 13.06
N TYR A 499 20.62 31.42 13.47
CA TYR A 499 19.98 32.44 12.66
C TYR A 499 20.81 33.71 12.77
N GLU A 500 21.37 34.11 11.64
CA GLU A 500 22.05 35.38 11.42
C GLU A 500 21.27 36.25 10.44
N LYS A 501 20.57 37.25 10.98
CA LYS A 501 19.60 38.01 10.20
C LYS A 501 20.27 38.77 9.08
N GLU A 502 21.36 39.48 9.38
CA GLU A 502 22.02 40.32 8.38
C GLU A 502 22.59 39.49 7.24
N ARG A 503 23.21 38.34 7.53
CA ARG A 503 23.72 37.50 6.44
C ARG A 503 22.58 36.91 5.61
N TYR A 504 21.48 36.56 6.28
CA TYR A 504 20.29 36.09 5.56
C TYR A 504 19.84 37.20 4.61
N GLU A 505 19.81 38.44 5.09
CA GLU A 505 19.44 39.59 4.28
C GLU A 505 20.42 39.73 3.12
N LYS A 506 21.71 39.50 3.41
CA LYS A 506 22.77 39.64 2.43
C LYS A 506 22.51 38.69 1.28
N VAL A 507 22.15 37.45 1.58
CA VAL A 507 21.88 36.53 0.48
C VAL A 507 20.58 36.96 -0.21
N ILE A 508 19.62 37.53 0.53
CA ILE A 508 18.37 37.87 -0.15
C ILE A 508 18.60 39.01 -1.11
N LYS A 509 19.57 39.89 -0.83
CA LYS A 509 19.91 40.98 -1.74
C LYS A 509 20.95 40.64 -2.82
N ALA A 510 22.16 40.19 -2.44
CA ALA A 510 23.12 39.78 -3.46
C ALA A 510 22.71 38.49 -4.15
N CYS A 511 22.36 37.47 -3.38
CA CYS A 511 21.99 36.21 -4.00
C CYS A 511 20.61 36.30 -4.63
N ALA A 512 19.90 37.42 -4.41
CA ALA A 512 18.62 37.70 -5.03
C ALA A 512 17.58 36.66 -4.64
N LEU A 513 17.37 36.51 -3.34
CA LEU A 513 16.27 35.68 -2.86
C LEU A 513 15.01 36.45 -2.54
N LYS A 514 14.94 37.75 -2.86
CA LYS A 514 13.72 38.47 -2.48
C LYS A 514 12.55 37.93 -3.30
N LYS A 515 12.87 37.38 -4.48
CA LYS A 515 11.83 36.77 -5.31
C LYS A 515 11.21 35.60 -4.57
N ASP A 516 12.03 34.75 -3.96
CA ASP A 516 11.51 33.63 -3.18
C ASP A 516 10.73 34.11 -1.96
N LEU A 517 11.19 35.18 -1.31
CA LEU A 517 10.44 35.74 -0.20
C LEU A 517 9.04 36.13 -0.67
N GLN A 518 8.95 36.67 -1.89
CA GLN A 518 7.67 37.06 -2.47
C GLN A 518 6.86 35.82 -2.84
N LEU A 519 7.53 34.79 -3.37
CA LEU A 519 6.88 33.58 -3.86
C LEU A 519 6.30 32.75 -2.73
N LEU A 520 6.99 32.66 -1.60
CA LEU A 520 6.49 31.82 -0.52
C LEU A 520 5.20 32.42 0.03
N GLU A 521 4.22 31.53 0.25
CA GLU A 521 2.90 31.90 0.72
C GLU A 521 2.86 32.34 2.18
N ASP A 522 3.89 32.04 2.96
CA ASP A 522 3.90 32.40 4.37
C ASP A 522 4.91 33.50 4.70
N GLY A 523 6.05 33.54 4.00
CA GLY A 523 7.03 34.59 4.21
C GLY A 523 8.34 34.03 4.74
N ASP A 524 9.00 34.81 5.58
CA ASP A 524 10.27 34.31 6.12
C ASP A 524 10.06 33.25 7.18
N LEU A 525 8.83 33.04 7.62
CA LEU A 525 8.49 31.91 8.49
C LEU A 525 7.98 30.71 7.69
N THR A 526 8.08 30.74 6.37
CA THR A 526 7.56 29.65 5.54
C THR A 526 8.25 28.32 5.83
N VAL A 527 7.44 27.33 6.20
CA VAL A 527 7.88 25.96 6.46
C VAL A 527 8.14 25.25 5.14
N ILE A 528 9.36 24.71 4.97
CA ILE A 528 9.67 23.98 3.75
C ILE A 528 8.74 22.78 3.69
N GLY A 529 8.08 22.58 2.56
CA GLY A 529 7.11 21.52 2.45
C GLY A 529 7.78 20.17 2.56
N ASP A 530 6.97 19.13 2.55
CA ASP A 530 7.51 17.79 2.67
C ASP A 530 8.46 17.52 1.50
N ARG A 531 9.62 16.95 1.84
CA ARG A 531 10.72 16.65 0.93
C ARG A 531 11.26 17.94 0.31
N GLY A 532 10.95 19.07 0.94
CA GLY A 532 11.36 20.39 0.49
C GLY A 532 10.81 20.83 -0.85
N THR A 533 9.56 20.49 -1.15
CA THR A 533 9.03 20.87 -2.45
C THR A 533 8.72 22.36 -2.57
N THR A 534 8.47 23.06 -1.46
CA THR A 534 8.13 24.47 -1.56
C THR A 534 9.32 25.30 -2.05
N LEU A 535 9.84 24.97 -3.22
CA LEU A 535 11.01 25.58 -3.85
C LEU A 535 11.04 25.08 -5.29
N SER A 536 11.97 25.61 -6.08
CA SER A 536 12.16 25.12 -7.45
C SER A 536 13.63 24.84 -7.69
N GLY A 537 13.93 24.35 -8.90
CA GLY A 537 15.30 23.93 -9.19
C GLY A 537 16.30 25.05 -9.01
N GLY A 538 15.91 26.27 -9.39
CA GLY A 538 16.78 27.40 -9.14
C GLY A 538 16.97 27.57 -7.66
N GLN A 539 15.89 27.46 -6.89
CA GLN A 539 15.98 27.58 -5.45
C GLN A 539 16.80 26.47 -4.81
N LYS A 540 16.63 25.21 -5.22
CA LYS A 540 17.48 24.19 -4.58
C LYS A 540 18.95 24.38 -4.90
N ALA A 541 19.30 24.65 -6.17
CA ALA A 541 20.71 24.89 -6.48
C ALA A 541 21.24 26.10 -5.74
N ARG A 542 20.50 27.19 -5.80
CA ARG A 542 20.87 28.42 -5.15
C ARG A 542 20.97 28.25 -3.64
N VAL A 543 20.03 27.53 -3.04
CA VAL A 543 20.08 27.31 -1.60
C VAL A 543 21.25 26.39 -1.24
N ASN A 544 21.70 25.54 -2.15
CA ASN A 544 22.89 24.76 -1.84
C ASN A 544 24.10 25.67 -1.78
N LEU A 545 24.26 26.52 -2.80
CA LEU A 545 25.34 27.50 -2.76
C LEU A 545 25.16 28.46 -1.59
N ALA A 546 23.92 28.83 -1.29
CA ALA A 546 23.59 29.71 -0.19
C ALA A 546 23.98 29.07 1.14
N ARG A 547 23.70 27.78 1.31
CA ARG A 547 24.13 27.11 2.53
C ARG A 547 25.63 27.17 2.64
N ALA A 548 26.32 26.90 1.53
CA ALA A 548 27.77 26.95 1.59
C ALA A 548 28.26 28.34 1.96
N VAL A 549 27.76 29.37 1.30
CA VAL A 549 28.35 30.67 1.56
C VAL A 549 27.87 31.25 2.89
N TYR A 550 26.61 31.00 3.28
CA TYR A 550 26.09 31.57 4.52
C TYR A 550 26.79 30.91 5.69
N GLN A 551 26.90 29.56 5.61
CA GLN A 551 27.44 28.63 6.58
C GLN A 551 28.95 28.76 6.68
N ASP A 552 29.35 29.82 5.97
CA ASP A 552 30.71 30.34 5.90
C ASP A 552 31.75 29.23 5.91
N ALA A 553 31.54 28.22 5.07
CA ALA A 553 32.52 27.14 5.01
C ALA A 553 33.80 27.62 4.35
N ASP A 554 34.81 26.76 4.32
CA ASP A 554 36.09 27.11 3.73
C ASP A 554 36.26 26.63 2.29
N ILE A 555 36.04 25.34 2.03
CA ILE A 555 36.22 24.75 0.70
C ILE A 555 34.86 24.55 0.03
N TYR A 556 34.70 25.08 -1.18
CA TYR A 556 33.42 25.06 -1.88
C TYR A 556 33.48 24.22 -3.16
N LEU A 557 32.81 23.08 -3.17
CA LEU A 557 32.79 22.18 -4.33
C LEU A 557 31.40 22.34 -4.95
N LEU A 558 31.34 22.93 -6.14
CA LEU A 558 30.08 23.24 -6.79
C LEU A 558 29.98 22.58 -8.17
N ASP A 559 29.05 21.65 -8.32
CA ASP A 559 28.82 21.00 -9.62
C ASP A 559 27.80 21.86 -10.35
N ASP A 560 28.32 22.82 -11.12
CA ASP A 560 27.70 23.79 -12.02
C ASP A 560 26.45 24.43 -11.44
N PRO A 561 26.51 25.06 -10.26
CA PRO A 561 25.30 25.68 -9.74
C PRO A 561 25.04 27.02 -10.38
N LEU A 562 26.05 27.62 -11.02
CA LEU A 562 25.77 28.92 -11.58
C LEU A 562 25.18 28.77 -12.97
N SER A 563 25.16 27.53 -13.48
CA SER A 563 24.59 27.26 -14.79
C SER A 563 23.08 27.44 -14.75
N ALA A 564 22.46 26.97 -13.66
CA ALA A 564 21.02 27.02 -13.49
C ALA A 564 20.54 28.42 -13.17
N VAL A 565 21.29 29.15 -12.34
CA VAL A 565 20.86 30.47 -11.91
C VAL A 565 21.16 31.46 -13.03
N ASP A 566 20.56 32.64 -12.95
CA ASP A 566 20.75 33.65 -13.97
C ASP A 566 22.07 34.39 -13.78
N ALA A 567 22.39 35.22 -14.77
CA ALA A 567 23.62 36.00 -14.79
C ALA A 567 23.67 37.05 -13.69
N GLU A 568 22.52 37.62 -13.31
CA GLU A 568 22.56 38.66 -12.28
C GLU A 568 23.09 38.10 -10.96
N VAL A 569 22.54 36.95 -10.51
CA VAL A 569 23.01 36.37 -9.25
C VAL A 569 24.46 35.94 -9.38
N SER A 570 24.82 35.35 -10.52
CA SER A 570 26.19 34.90 -10.75
C SER A 570 27.19 36.05 -10.68
N ARG A 571 26.85 37.17 -11.32
CA ARG A 571 27.75 38.32 -11.29
C ARG A 571 27.82 38.88 -9.89
N HIS A 572 26.70 38.80 -9.17
CA HIS A 572 26.71 39.24 -7.78
C HIS A 572 27.65 38.39 -6.96
N LEU A 573 27.62 37.06 -7.16
CA LEU A 573 28.57 36.28 -6.38
C LEU A 573 30.01 36.41 -6.85
N PHE A 574 30.32 36.67 -8.13
CA PHE A 574 31.73 36.98 -8.38
C PHE A 574 32.18 38.27 -7.71
N GLU A 575 31.48 39.39 -7.92
CA GLU A 575 32.00 40.59 -7.27
C GLU A 575 31.90 40.52 -5.75
N LEU A 576 30.71 40.24 -5.23
CA LEU A 576 30.46 40.28 -3.79
C LEU A 576 31.01 39.07 -3.07
N CYS A 577 30.81 37.88 -3.64
CA CYS A 577 31.16 36.64 -2.95
C CYS A 577 32.45 36.03 -3.46
N ILE A 578 32.56 35.71 -4.75
CA ILE A 578 33.78 35.00 -5.15
C ILE A 578 34.99 35.93 -5.03
N CYS A 579 34.83 37.21 -5.38
CA CYS A 579 36.00 38.05 -5.24
C CYS A 579 36.13 38.53 -3.80
N GLN A 580 35.04 39.05 -3.22
CA GLN A 580 35.12 39.60 -1.87
C GLN A 580 34.72 38.66 -0.75
N ILE A 581 33.47 38.16 -0.72
CA ILE A 581 33.10 37.35 0.45
C ILE A 581 33.79 36.00 0.42
N LEU A 582 33.71 35.29 -0.71
CA LEU A 582 34.37 34.02 -0.94
C LEU A 582 35.76 34.30 -1.55
N HIS A 583 36.45 35.17 -0.83
CA HIS A 583 37.79 35.68 -1.09
C HIS A 583 38.90 34.69 -0.76
N GLU A 584 38.68 33.88 0.25
CA GLU A 584 39.63 32.90 0.75
C GLU A 584 38.97 31.53 0.85
N LYS A 585 38.16 31.21 -0.16
CA LYS A 585 37.50 29.92 -0.26
C LYS A 585 37.77 29.28 -1.61
N ILE A 586 37.72 27.95 -1.63
CA ILE A 586 37.94 27.14 -2.83
C ILE A 586 36.70 27.24 -3.72
N THR A 587 36.89 27.47 -5.02
CA THR A 587 35.75 27.79 -5.87
C THR A 587 35.63 26.85 -7.06
N ILE A 588 35.71 25.55 -6.83
CA ILE A 588 35.65 24.63 -7.95
C ILE A 588 34.29 24.71 -8.68
N LEU A 589 34.26 25.27 -9.88
CA LEU A 589 33.01 25.56 -10.57
C LEU A 589 33.08 25.05 -12.00
N VAL A 590 32.27 24.04 -12.33
CA VAL A 590 32.14 23.62 -13.72
C VAL A 590 31.12 24.51 -14.42
N THR A 591 31.45 24.86 -15.67
CA THR A 591 30.69 25.84 -16.44
C THR A 591 30.75 25.51 -17.91
N HIS A 592 29.80 26.07 -18.67
CA HIS A 592 29.79 25.93 -20.11
C HIS A 592 29.43 27.21 -20.83
N GLN A 593 28.94 28.24 -20.15
CA GLN A 593 28.63 29.50 -20.80
C GLN A 593 29.95 30.20 -21.12
N LEU A 594 29.89 31.38 -21.72
CA LEU A 594 31.12 32.16 -21.77
C LEU A 594 31.36 33.09 -20.57
N GLN A 595 30.46 33.14 -19.60
CA GLN A 595 30.77 34.08 -18.55
C GLN A 595 31.44 33.45 -17.34
N TYR A 596 30.99 32.30 -16.86
CA TYR A 596 31.84 31.68 -15.84
C TYR A 596 33.12 31.11 -16.41
N LEU A 597 33.21 30.85 -17.73
CA LEU A 597 34.52 30.59 -18.34
C LEU A 597 35.44 31.79 -18.19
N LYS A 598 34.92 33.02 -18.33
CA LYS A 598 35.86 34.14 -18.32
C LYS A 598 36.06 34.72 -16.93
N ALA A 599 35.21 34.38 -15.96
CA ALA A 599 35.56 34.64 -14.57
C ALA A 599 36.61 33.68 -14.00
N ALA A 600 36.95 32.59 -14.66
CA ALA A 600 37.95 31.72 -14.06
C ALA A 600 39.38 32.03 -14.51
N SER A 601 40.34 31.50 -13.73
CA SER A 601 41.77 31.63 -13.92
C SER A 601 42.47 30.40 -14.50
N GLN A 602 42.07 29.20 -14.05
CA GLN A 602 42.62 27.92 -14.49
C GLN A 602 41.54 26.98 -15.01
N ILE A 603 41.83 26.28 -16.10
CA ILE A 603 40.86 25.41 -16.76
C ILE A 603 41.40 23.98 -16.75
N LEU A 604 40.51 23.05 -16.41
CA LEU A 604 40.78 21.61 -16.38
C LEU A 604 39.83 20.87 -17.30
N ILE A 605 40.38 20.14 -18.27
CA ILE A 605 39.59 19.41 -19.25
C ILE A 605 40.06 17.97 -19.12
N LEU A 606 39.10 17.05 -19.02
CA LEU A 606 39.40 15.65 -18.74
C LEU A 606 38.72 14.68 -19.68
N LYS A 607 39.38 13.54 -19.87
CA LYS A 607 38.96 12.47 -20.75
C LYS A 607 39.15 11.25 -19.85
N ASP A 608 39.17 10.06 -20.43
CA ASP A 608 39.47 8.90 -19.59
C ASP A 608 40.80 9.12 -18.90
N GLY A 609 40.76 9.40 -17.59
CA GLY A 609 41.98 9.56 -16.84
C GLY A 609 42.87 10.76 -17.08
N LYS A 610 43.94 10.53 -17.83
CA LYS A 610 45.02 11.48 -18.17
C LYS A 610 44.60 12.93 -18.34
N MET A 611 45.11 13.77 -17.43
CA MET A 611 44.96 15.22 -17.42
C MET A 611 45.69 15.80 -18.63
N VAL A 612 44.94 16.26 -19.64
CA VAL A 612 45.58 16.69 -20.87
C VAL A 612 46.42 17.95 -20.65
N GLN A 613 45.86 18.99 -20.03
CA GLN A 613 46.64 20.22 -19.91
C GLN A 613 46.07 21.13 -18.84
N LYS A 614 46.91 22.09 -18.42
CA LYS A 614 46.57 23.11 -17.44
C LYS A 614 46.75 24.53 -17.98
N GLY A 615 46.27 24.84 -19.19
CA GLY A 615 46.52 26.17 -19.71
C GLY A 615 45.59 27.22 -19.15
N THR A 616 46.05 28.47 -19.25
CA THR A 616 45.29 29.65 -18.83
C THR A 616 44.33 30.09 -19.93
N TYR A 617 43.81 31.31 -19.77
CA TYR A 617 42.84 31.88 -20.71
C TYR A 617 43.44 32.20 -22.07
N THR A 618 44.39 33.13 -22.12
CA THR A 618 45.04 33.49 -23.37
C THR A 618 45.77 32.33 -24.03
N GLU A 619 45.92 31.20 -23.35
CA GLU A 619 46.52 30.04 -23.99
C GLU A 619 45.47 29.24 -24.77
N GLY A 694 -18.68 8.85 7.02
CA GLY A 694 -18.13 7.87 7.95
C GLY A 694 -18.64 6.46 7.71
N LYS A 695 -19.82 6.17 8.23
CA LYS A 695 -20.39 4.84 8.06
C LYS A 695 -21.00 4.71 6.66
N VAL A 696 -21.18 3.46 6.24
CA VAL A 696 -21.80 3.16 4.96
C VAL A 696 -23.24 2.76 5.21
N GLY A 697 -24.16 3.41 4.49
CA GLY A 697 -25.56 3.24 4.72
C GLY A 697 -26.06 1.86 4.31
N PHE A 698 -27.32 1.60 4.64
CA PHE A 698 -27.92 0.33 4.26
C PHE A 698 -27.96 0.16 2.75
N GLN A 699 -27.97 1.26 2.00
CA GLN A 699 -27.97 1.16 0.55
C GLN A 699 -26.70 0.47 0.05
N ALA A 700 -25.55 0.78 0.66
CA ALA A 700 -24.30 0.14 0.25
C ALA A 700 -24.34 -1.36 0.46
N TYR A 701 -24.77 -1.80 1.64
CA TYR A 701 -24.87 -3.23 1.91
C TYR A 701 -25.88 -3.89 0.99
N LYS A 702 -27.03 -3.24 0.80
CA LYS A 702 -28.06 -3.81 -0.05
C LYS A 702 -27.57 -3.98 -1.48
N ASN A 703 -26.90 -2.96 -2.03
CA ASN A 703 -26.43 -3.11 -3.40
C ASN A 703 -25.30 -4.13 -3.52
N TYR A 704 -24.45 -4.24 -2.50
CA TYR A 704 -23.41 -5.27 -2.52
C TYR A 704 -24.02 -6.67 -2.48
N PHE A 705 -25.08 -6.83 -1.69
CA PHE A 705 -25.62 -8.18 -1.55
C PHE A 705 -26.46 -8.51 -2.76
N ARG A 706 -27.35 -7.59 -3.18
CA ARG A 706 -28.15 -7.91 -4.33
C ARG A 706 -27.25 -8.07 -5.55
N ALA A 707 -26.04 -7.51 -5.49
CA ALA A 707 -25.07 -7.79 -6.54
C ALA A 707 -24.51 -9.18 -6.37
N GLY A 708 -24.74 -9.80 -5.21
CA GLY A 708 -24.19 -11.12 -5.01
C GLY A 708 -25.09 -12.21 -5.58
N ALA A 709 -26.35 -12.26 -5.16
CA ALA A 709 -27.25 -13.29 -5.62
C ALA A 709 -28.69 -12.84 -5.40
N HIS A 710 -29.63 -13.65 -5.89
CA HIS A 710 -31.04 -13.35 -5.69
C HIS A 710 -31.38 -13.38 -4.20
N TRP A 711 -32.38 -12.59 -3.81
CA TRP A 711 -32.75 -12.55 -2.41
C TRP A 711 -33.30 -13.88 -1.91
N ILE A 712 -33.77 -14.74 -2.81
CA ILE A 712 -34.09 -16.12 -2.43
C ILE A 712 -32.85 -16.83 -1.92
N VAL A 713 -31.71 -16.61 -2.57
CA VAL A 713 -30.46 -17.24 -2.15
C VAL A 713 -30.07 -16.72 -0.78
N PHE A 714 -30.33 -15.44 -0.52
CA PHE A 714 -29.99 -14.89 0.79
C PHE A 714 -30.91 -15.40 1.88
N ILE A 715 -32.19 -15.63 1.57
CA ILE A 715 -33.07 -16.27 2.54
C ILE A 715 -32.57 -17.67 2.86
N PHE A 716 -32.20 -18.42 1.82
CA PHE A 716 -31.62 -19.75 2.02
C PHE A 716 -30.34 -19.67 2.85
N LEU A 717 -29.53 -18.63 2.62
CA LEU A 717 -28.27 -18.49 3.33
C LEU A 717 -28.47 -18.18 4.80
N ILE A 718 -29.40 -17.28 5.12
CA ILE A 718 -29.64 -17.00 6.54
C ILE A 718 -30.26 -18.21 7.21
N LEU A 719 -31.10 -18.97 6.50
CA LEU A 719 -31.63 -20.20 7.06
C LEU A 719 -30.50 -21.20 7.33
N LEU A 720 -29.55 -21.32 6.41
CA LEU A 720 -28.43 -22.22 6.61
C LEU A 720 -27.56 -21.80 7.78
N ASN A 721 -27.30 -20.50 7.91
CA ASN A 721 -26.53 -20.00 9.05
C ASN A 721 -27.23 -20.30 10.36
N THR A 722 -28.53 -20.03 10.42
CA THR A 722 -29.28 -20.31 11.64
C THR A 722 -29.25 -21.80 11.96
N ALA A 723 -29.40 -22.64 10.93
CA ALA A 723 -29.36 -24.08 11.15
C ALA A 723 -27.99 -24.52 11.65
N ALA A 724 -26.92 -23.96 11.09
CA ALA A 724 -25.58 -24.31 11.54
C ALA A 724 -25.37 -23.95 13.00
N GLN A 725 -25.77 -22.74 13.39
CA GLN A 725 -25.59 -22.34 14.78
C GLN A 725 -26.48 -23.17 15.70
N VAL A 726 -27.70 -23.47 15.26
CA VAL A 726 -28.60 -24.28 16.07
C VAL A 726 -28.01 -25.65 16.28
N ALA A 727 -27.48 -26.26 15.22
CA ALA A 727 -26.85 -27.57 15.38
C ALA A 727 -25.63 -27.49 16.28
N TYR A 728 -24.83 -26.43 16.15
CA TYR A 728 -23.67 -26.26 17.02
C TYR A 728 -24.10 -26.23 18.48
N VAL A 729 -25.13 -25.43 18.78
CA VAL A 729 -25.55 -25.34 20.17
C VAL A 729 -26.21 -26.63 20.61
N LEU A 730 -27.04 -27.23 19.75
CA LEU A 730 -27.76 -28.45 20.10
C LEU A 730 -26.85 -29.66 20.26
N GLN A 731 -25.68 -29.71 19.64
CA GLN A 731 -24.79 -30.83 19.93
C GLN A 731 -24.40 -30.84 21.40
N ASP A 732 -24.10 -29.65 21.93
CA ASP A 732 -23.79 -29.54 23.34
C ASP A 732 -25.07 -29.62 24.13
N TRP A 733 -26.17 -29.06 23.62
CA TRP A 733 -27.41 -29.23 24.34
C TRP A 733 -27.78 -30.69 24.44
N TRP A 734 -27.47 -31.50 23.43
CA TRP A 734 -27.76 -32.92 23.52
C TRP A 734 -26.92 -33.54 24.59
N LEU A 735 -25.65 -33.13 24.69
CA LEU A 735 -24.86 -33.63 25.79
C LEU A 735 -25.44 -33.18 27.13
N SER A 736 -25.86 -31.91 27.22
CA SER A 736 -26.47 -31.38 28.43
C SER A 736 -27.79 -32.07 28.74
N TYR A 737 -28.61 -32.30 27.71
CA TYR A 737 -29.89 -32.98 27.88
C TYR A 737 -29.66 -34.41 28.29
N TRP A 738 -28.63 -35.03 27.75
CA TRP A 738 -28.30 -36.36 28.21
C TRP A 738 -27.96 -36.25 29.68
N ALA A 739 -27.23 -35.21 30.06
CA ALA A 739 -26.92 -34.97 31.46
C ALA A 739 -28.17 -34.69 32.31
N ASN A 740 -29.07 -33.83 31.84
CA ASN A 740 -30.32 -33.53 32.58
C ASN A 740 -31.21 -34.75 32.69
N LYS A 741 -31.37 -35.46 31.58
CA LYS A 741 -32.18 -36.67 31.52
C LYS A 741 -31.49 -37.67 32.41
N GLN A 742 -30.16 -37.63 32.36
CA GLN A 742 -29.25 -38.44 33.13
C GLN A 742 -29.34 -38.09 34.61
N SER A 743 -29.56 -36.82 34.95
CA SER A 743 -29.77 -36.47 36.36
C SER A 743 -31.05 -37.11 36.89
N MET A 744 -32.14 -36.99 36.13
CA MET A 744 -33.38 -37.66 36.55
C MET A 744 -33.12 -39.15 36.56
N LEU A 745 -32.39 -39.58 35.55
CA LEU A 745 -31.95 -40.95 35.35
C LEU A 745 -31.05 -41.40 36.48
N ASN A 746 -30.14 -40.56 36.94
CA ASN A 746 -29.31 -40.95 38.06
C ASN A 746 -30.19 -41.20 39.26
N VAL A 747 -31.18 -40.33 39.47
CA VAL A 747 -32.11 -40.48 40.58
C VAL A 747 -32.84 -41.82 40.51
N THR A 748 -33.34 -42.22 39.33
CA THR A 748 -34.03 -43.51 39.34
C THR A 748 -33.19 -44.63 38.73
N VAL A 749 -32.53 -44.37 37.62
CA VAL A 749 -31.76 -45.38 36.90
C VAL A 749 -30.34 -45.62 37.40
N ASN A 750 -29.73 -44.67 38.15
CA ASN A 750 -28.41 -44.94 38.68
C ASN A 750 -28.43 -45.36 40.15
N GLY A 751 -29.05 -44.56 41.01
CA GLY A 751 -29.12 -44.95 42.40
C GLY A 751 -30.01 -46.17 42.52
N GLY A 752 -31.09 -46.17 41.74
CA GLY A 752 -32.09 -47.21 41.74
C GLY A 752 -31.68 -48.04 40.54
N GLY A 753 -30.38 -48.21 40.39
CA GLY A 753 -29.80 -48.88 39.23
C GLY A 753 -30.09 -50.35 39.09
N ASN A 754 -30.96 -50.92 39.92
CA ASN A 754 -31.24 -52.34 39.75
C ASN A 754 -32.05 -52.59 38.50
N VAL A 755 -32.97 -51.68 38.15
CA VAL A 755 -33.81 -51.91 36.98
C VAL A 755 -32.92 -51.94 35.76
N THR A 756 -31.87 -51.12 35.79
CA THR A 756 -30.88 -50.92 34.73
C THR A 756 -31.48 -50.34 33.45
N GLU A 757 -32.12 -49.19 33.56
CA GLU A 757 -32.56 -48.56 32.31
C GLU A 757 -31.28 -48.17 31.57
N LYS A 758 -30.47 -49.14 31.15
CA LYS A 758 -29.23 -48.82 30.47
C LYS A 758 -29.54 -47.82 29.38
N LEU A 759 -28.69 -46.81 29.25
CA LEU A 759 -28.97 -45.88 28.17
C LEU A 759 -28.80 -46.64 26.87
N ASP A 760 -29.78 -46.50 25.98
CA ASP A 760 -29.74 -47.24 24.74
C ASP A 760 -28.58 -46.63 23.97
N LEU A 761 -27.47 -47.35 23.86
CA LEU A 761 -26.35 -46.64 23.25
C LEU A 761 -26.67 -46.35 21.81
N ASN A 762 -27.38 -47.24 21.13
CA ASN A 762 -27.66 -46.98 19.74
C ASN A 762 -28.48 -45.69 19.61
N TRP A 763 -29.55 -45.58 20.40
CA TRP A 763 -30.44 -44.42 20.31
C TRP A 763 -29.73 -43.12 20.67
N TYR A 764 -29.13 -43.08 21.86
CA TYR A 764 -28.49 -41.85 22.34
C TYR A 764 -27.26 -41.50 21.52
N LEU A 765 -26.44 -42.51 21.22
CA LEU A 765 -25.25 -42.29 20.43
C LEU A 765 -25.61 -41.85 19.02
N GLY A 766 -26.67 -42.42 18.45
CA GLY A 766 -27.08 -42.02 17.13
C GLY A 766 -27.54 -40.58 17.09
N ILE A 767 -28.30 -40.13 18.09
CA ILE A 767 -28.70 -38.72 18.05
C ILE A 767 -27.48 -37.83 18.23
N TYR A 768 -26.56 -38.22 19.11
CA TYR A 768 -25.36 -37.40 19.31
C TYR A 768 -24.52 -37.34 18.03
N SER A 769 -24.32 -38.49 17.39
CA SER A 769 -23.57 -38.53 16.14
C SER A 769 -24.26 -37.76 15.04
N GLY A 770 -25.58 -37.88 14.94
CA GLY A 770 -26.31 -37.11 13.95
C GLY A 770 -26.18 -35.62 14.16
N LEU A 771 -26.25 -35.19 15.42
CA LEU A 771 -26.14 -33.76 15.70
C LEU A 771 -24.74 -33.24 15.36
N THR A 772 -23.70 -33.98 15.72
CA THR A 772 -22.36 -33.47 15.39
C THR A 772 -22.09 -33.52 13.90
N VAL A 773 -22.58 -34.56 13.21
CA VAL A 773 -22.43 -34.62 11.76
C VAL A 773 -23.17 -33.47 11.09
N ALA A 774 -24.38 -33.19 11.56
CA ALA A 774 -25.14 -32.07 11.03
C ALA A 774 -24.43 -30.75 11.28
N THR A 775 -23.83 -30.59 12.46
CA THR A 775 -23.06 -29.37 12.72
C THR A 775 -21.93 -29.22 11.73
N VAL A 776 -21.17 -30.28 11.51
CA VAL A 776 -20.04 -30.21 10.57
C VAL A 776 -20.54 -29.86 9.17
N LEU A 777 -21.56 -30.59 8.70
CA LEU A 777 -22.06 -30.39 7.34
C LEU A 777 -22.62 -28.98 7.16
N PHE A 778 -23.40 -28.50 8.13
CA PHE A 778 -24.00 -27.18 8.00
C PHE A 778 -22.96 -26.09 8.08
N GLY A 779 -21.93 -26.25 8.92
CA GLY A 779 -20.86 -25.27 8.93
C GLY A 779 -20.14 -25.21 7.60
N ILE A 780 -19.83 -26.37 7.03
CA ILE A 780 -19.16 -26.42 5.74
C ILE A 780 -20.02 -25.76 4.67
N ALA A 781 -21.30 -26.10 4.64
CA ALA A 781 -22.19 -25.56 3.61
C ALA A 781 -22.35 -24.06 3.75
N ARG A 782 -22.51 -23.56 4.97
CA ARG A 782 -22.67 -22.12 5.16
C ARG A 782 -21.40 -21.38 4.76
N SER A 783 -20.23 -21.90 5.13
CA SER A 783 -18.99 -21.23 4.74
C SER A 783 -18.83 -21.19 3.24
N LEU A 784 -19.08 -22.32 2.58
CA LEU A 784 -18.94 -22.37 1.14
C LEU A 784 -19.93 -21.43 0.46
N LEU A 785 -21.17 -21.39 0.94
CA LEU A 785 -22.17 -20.56 0.29
C LEU A 785 -21.86 -19.08 0.48
N VAL A 786 -21.43 -18.69 1.68
CA VAL A 786 -21.09 -17.28 1.93
C VAL A 786 -19.93 -16.87 1.02
N PHE A 787 -18.90 -17.70 0.96
CA PHE A 787 -17.75 -17.37 0.11
C PHE A 787 -18.16 -17.28 -1.35
N TYR A 788 -18.98 -18.23 -1.82
CA TYR A 788 -19.37 -18.23 -3.21
C TYR A 788 -20.18 -16.99 -3.55
N VAL A 789 -21.15 -16.62 -2.70
CA VAL A 789 -22.00 -15.49 -3.03
C VAL A 789 -21.19 -14.19 -2.99
N LEU A 790 -20.27 -14.07 -2.04
CA LEU A 790 -19.49 -12.84 -1.97
C LEU A 790 -18.50 -12.74 -3.14
N VAL A 791 -17.89 -13.84 -3.53
CA VAL A 791 -16.97 -13.82 -4.67
C VAL A 791 -17.74 -13.54 -5.95
N ASN A 792 -18.95 -14.09 -6.08
CA ASN A 792 -19.76 -13.78 -7.24
C ASN A 792 -20.13 -12.32 -7.28
N SER A 793 -20.43 -11.73 -6.12
CA SER A 793 -20.70 -10.30 -6.07
C SER A 793 -19.48 -9.50 -6.52
N SER A 794 -18.30 -9.90 -6.08
CA SER A 794 -17.09 -9.22 -6.51
C SER A 794 -16.91 -9.32 -8.02
N GLN A 795 -17.14 -10.51 -8.59
CA GLN A 795 -16.96 -10.67 -10.03
C GLN A 795 -17.96 -9.84 -10.83
N THR A 796 -19.23 -9.84 -10.44
CA THR A 796 -20.20 -9.02 -11.16
C THR A 796 -19.87 -7.54 -11.03
N LEU A 797 -19.47 -7.10 -9.84
CA LEU A 797 -19.12 -5.70 -9.67
C LEU A 797 -17.93 -5.32 -10.53
N HIS A 798 -16.91 -6.18 -10.60
CA HIS A 798 -15.76 -5.86 -11.44
C HIS A 798 -16.15 -5.80 -12.91
N ASN A 799 -16.98 -6.75 -13.37
CA ASN A 799 -17.39 -6.73 -14.77
C ASN A 799 -18.17 -5.47 -15.08
N LYS A 800 -19.08 -5.09 -14.18
CA LYS A 800 -19.86 -3.88 -14.36
C LYS A 800 -18.94 -2.67 -14.37
N MET A 801 -17.92 -2.65 -13.50
CA MET A 801 -17.01 -1.51 -13.46
C MET A 801 -16.24 -1.37 -14.76
N PHE A 802 -15.72 -2.48 -15.29
CA PHE A 802 -14.97 -2.35 -16.53
C PHE A 802 -15.87 -1.92 -17.67
N GLU A 803 -17.09 -2.47 -17.74
CA GLU A 803 -17.99 -2.05 -18.80
C GLU A 803 -18.37 -0.57 -18.66
N SER A 804 -18.61 -0.12 -17.43
CA SER A 804 -18.95 1.28 -17.19
C SER A 804 -17.78 2.22 -17.50
N ILE A 805 -16.56 1.86 -17.09
CA ILE A 805 -15.41 2.73 -17.31
C ILE A 805 -15.07 2.78 -18.79
N LEU A 806 -15.27 1.67 -19.48
CA LEU A 806 -15.00 1.63 -20.91
C LEU A 806 -15.86 2.63 -21.66
N LYS A 807 -17.04 2.93 -21.14
CA LYS A 807 -17.93 3.94 -21.72
C LYS A 807 -17.79 5.30 -21.06
N ALA A 808 -16.83 5.48 -20.16
CA ALA A 808 -16.65 6.77 -19.51
C ALA A 808 -16.18 7.83 -20.52
N PRO A 809 -16.67 9.06 -20.40
CA PRO A 809 -16.21 10.13 -21.30
C PRO A 809 -14.77 10.51 -21.02
N VAL A 810 -14.17 11.18 -22.01
CA VAL A 810 -12.77 11.55 -21.85
C VAL A 810 -12.65 12.57 -20.73
N LEU A 811 -13.75 13.26 -20.43
CA LEU A 811 -13.76 14.23 -19.34
C LEU A 811 -13.46 13.57 -18.01
N PHE A 812 -13.99 12.37 -17.79
CA PHE A 812 -13.72 11.68 -16.54
C PHE A 812 -12.24 11.37 -16.40
N PHE A 813 -11.60 10.94 -17.48
CA PHE A 813 -10.18 10.64 -17.41
C PHE A 813 -9.35 11.91 -17.28
N ASP A 814 -9.79 13.01 -17.89
CA ASP A 814 -9.10 14.27 -17.73
C ASP A 814 -9.19 14.78 -16.30
N ARG A 815 -10.38 14.69 -15.69
CA ARG A 815 -10.56 15.18 -14.32
C ARG A 815 -9.82 14.31 -13.32
N ASN A 816 -9.98 13.02 -13.41
CA ASN A 816 -9.45 12.09 -12.44
C ASN A 816 -8.04 11.68 -12.84
N PRO A 817 -7.07 11.72 -11.94
CA PRO A 817 -5.72 11.26 -12.29
C PRO A 817 -5.71 9.77 -12.61
N ILE A 818 -4.75 9.38 -13.44
CA ILE A 818 -4.63 7.98 -13.83
C ILE A 818 -4.38 7.10 -12.60
N GLY A 819 -3.56 7.60 -11.67
CA GLY A 819 -3.26 6.82 -10.48
C GLY A 819 -4.51 6.51 -9.67
N ARG A 820 -5.45 7.46 -9.61
CA ARG A 820 -6.67 7.25 -8.84
C ARG A 820 -7.49 6.11 -9.42
N ILE A 821 -7.71 6.12 -10.73
CA ILE A 821 -8.49 5.06 -11.36
C ILE A 821 -7.78 3.72 -11.26
N LEU A 822 -6.46 3.71 -11.46
CA LEU A 822 -5.72 2.46 -11.34
C LEU A 822 -5.81 1.92 -9.91
N ASN A 823 -5.74 2.80 -8.92
CA ASN A 823 -5.89 2.36 -7.53
C ASN A 823 -7.28 1.82 -7.27
N ARG A 824 -8.31 2.46 -7.80
CA ARG A 824 -9.67 1.96 -7.60
C ARG A 824 -9.84 0.58 -8.21
N PHE A 825 -9.21 0.36 -9.37
CA PHE A 825 -9.29 -0.96 -10.00
C PHE A 825 -8.42 -1.99 -9.32
N SER A 826 -7.35 -1.58 -8.64
CA SER A 826 -6.44 -2.53 -8.02
C SER A 826 -6.75 -2.82 -6.56
N LYS A 827 -6.64 -1.80 -5.70
CA LYS A 827 -6.72 -2.04 -4.26
C LYS A 827 -8.12 -2.44 -3.79
N ASP A 828 -9.15 -1.71 -4.21
CA ASP A 828 -10.50 -2.06 -3.74
C ASP A 828 -10.92 -3.42 -4.26
N ILE A 829 -10.62 -3.71 -5.52
CA ILE A 829 -11.01 -5.01 -6.08
C ILE A 829 -10.24 -6.12 -5.40
N GLY A 830 -8.95 -5.91 -5.10
CA GLY A 830 -8.22 -6.90 -4.33
C GLY A 830 -8.82 -7.12 -2.97
N HIS A 831 -9.27 -6.04 -2.33
CA HIS A 831 -9.97 -6.16 -1.06
C HIS A 831 -11.21 -7.02 -1.20
N LEU A 832 -12.07 -6.68 -2.16
CA LEU A 832 -13.32 -7.41 -2.37
C LEU A 832 -13.07 -8.87 -2.73
N ASP A 833 -11.92 -9.18 -3.31
CA ASP A 833 -11.65 -10.55 -3.72
C ASP A 833 -11.00 -11.37 -2.62
N ASP A 834 -10.23 -10.75 -1.73
CA ASP A 834 -9.45 -11.49 -0.74
C ASP A 834 -9.92 -11.24 0.68
N LEU A 835 -9.98 -9.99 1.11
CA LEU A 835 -10.13 -9.70 2.54
C LEU A 835 -11.58 -9.56 2.96
N LEU A 836 -12.40 -8.88 2.15
CA LEU A 836 -13.78 -8.64 2.55
C LEU A 836 -14.59 -9.91 2.72
N PRO A 837 -14.55 -10.90 1.80
CA PRO A 837 -15.33 -12.11 2.04
C PRO A 837 -14.90 -12.86 3.29
N LEU A 838 -13.59 -13.00 3.51
CA LEU A 838 -13.12 -13.73 4.68
C LEU A 838 -13.51 -13.04 5.97
N THR A 839 -13.29 -11.73 6.03
CA THR A 839 -13.63 -11.00 7.24
C THR A 839 -15.13 -11.00 7.48
N PHE A 840 -15.93 -10.85 6.43
CA PHE A 840 -17.38 -10.88 6.60
C PHE A 840 -17.86 -12.23 7.09
N LEU A 841 -17.32 -13.31 6.52
CA LEU A 841 -17.72 -14.64 6.97
C LEU A 841 -17.31 -14.88 8.41
N ASP A 842 -16.09 -14.48 8.78
CA ASP A 842 -15.65 -14.66 10.15
C ASP A 842 -16.48 -13.85 11.11
N PHE A 843 -16.82 -12.61 10.75
CA PHE A 843 -17.65 -11.79 11.61
C PHE A 843 -19.04 -12.39 11.79
N ILE A 844 -19.65 -12.86 10.70
CA ILE A 844 -20.98 -13.46 10.82
C ILE A 844 -20.93 -14.71 11.69
N GLN A 845 -19.92 -15.56 11.47
CA GLN A 845 -19.76 -16.77 12.27
C GLN A 845 -19.61 -16.45 13.75
N THR A 846 -18.70 -15.53 14.08
CA THR A 846 -18.43 -15.23 15.48
C THR A 846 -19.64 -14.56 16.13
N LEU A 847 -20.33 -13.69 15.39
CA LEU A 847 -21.53 -13.06 15.92
C LEU A 847 -22.60 -14.09 16.21
N LEU A 848 -22.76 -15.08 15.34
CA LEU A 848 -23.73 -16.13 15.59
C LEU A 848 -23.33 -16.95 16.82
N GLN A 849 -22.03 -17.18 17.00
CA GLN A 849 -21.58 -17.90 18.19
C GLN A 849 -21.88 -17.12 19.46
N VAL A 850 -21.64 -15.81 19.45
CA VAL A 850 -21.95 -14.97 20.61
C VAL A 850 -23.45 -14.98 20.90
N VAL A 851 -24.26 -14.87 19.85
CA VAL A 851 -25.71 -14.91 20.03
C VAL A 851 -26.12 -16.25 20.61
N GLY A 852 -25.47 -17.33 20.17
CA GLY A 852 -25.78 -18.64 20.73
C GLY A 852 -25.47 -18.72 22.21
N VAL A 853 -24.32 -18.19 22.62
CA VAL A 853 -23.96 -18.21 24.04
C VAL A 853 -24.98 -17.41 24.85
N VAL A 854 -25.32 -16.21 24.37
CA VAL A 854 -26.27 -15.37 25.09
C VAL A 854 -27.63 -16.05 25.18
N SER A 855 -28.08 -16.66 24.09
CA SER A 855 -29.38 -17.32 24.08
C SER A 855 -29.39 -18.54 24.99
N VAL A 856 -28.29 -19.29 25.05
CA VAL A 856 -28.21 -20.41 25.97
C VAL A 856 -28.34 -19.92 27.41
N ALA A 857 -27.61 -18.85 27.75
CA ALA A 857 -27.68 -18.33 29.10
C ALA A 857 -29.07 -17.83 29.44
N VAL A 858 -29.74 -17.17 28.49
CA VAL A 858 -31.09 -16.67 28.74
C VAL A 858 -32.08 -17.81 28.86
N ALA A 859 -31.93 -18.85 28.03
CA ALA A 859 -32.85 -19.99 28.08
C ALA A 859 -32.73 -20.74 29.40
N VAL A 860 -31.51 -20.94 29.89
CA VAL A 860 -31.36 -21.65 31.16
C VAL A 860 -31.94 -20.83 32.30
N ILE A 861 -31.59 -19.56 32.37
CA ILE A 861 -32.08 -18.65 33.39
C ILE A 861 -32.78 -17.49 32.70
N PRO A 862 -34.11 -17.52 32.60
CA PRO A 862 -34.81 -16.43 31.92
C PRO A 862 -34.57 -15.08 32.56
N TRP A 863 -34.45 -15.03 33.89
CA TRP A 863 -34.26 -13.76 34.56
C TRP A 863 -32.98 -13.07 34.13
N ILE A 864 -32.04 -13.81 33.54
CA ILE A 864 -30.80 -13.24 33.05
C ILE A 864 -31.07 -12.18 31.99
N ALA A 865 -32.24 -12.24 31.35
CA ALA A 865 -32.62 -11.22 30.38
C ALA A 865 -32.73 -9.83 31.02
N ILE A 866 -33.10 -9.76 32.30
CA ILE A 866 -33.30 -8.46 32.94
C ILE A 866 -32.02 -7.65 33.02
N PRO A 867 -30.89 -8.16 33.52
CA PRO A 867 -29.66 -7.36 33.51
C PRO A 867 -28.99 -7.30 32.15
N LEU A 868 -29.42 -8.12 31.18
CA LEU A 868 -28.77 -8.09 29.87
C LEU A 868 -29.15 -6.88 29.05
N VAL A 869 -30.37 -6.37 29.22
CA VAL A 869 -30.79 -5.19 28.45
C VAL A 869 -29.93 -3.96 28.76
N PRO A 870 -29.65 -3.61 30.01
CA PRO A 870 -28.75 -2.48 30.24
C PRO A 870 -27.34 -2.71 29.68
N LEU A 871 -26.72 -3.83 30.04
CA LEU A 871 -25.35 -4.12 29.62
C LEU A 871 -25.16 -3.88 28.13
N GLY A 872 -25.93 -4.60 27.30
CA GLY A 872 -25.79 -4.42 25.87
C GLY A 872 -25.95 -2.97 25.44
N ILE A 873 -26.95 -2.28 25.98
CA ILE A 873 -27.14 -0.87 25.65
C ILE A 873 -25.87 -0.10 25.93
N ILE A 874 -25.29 -0.30 27.12
CA ILE A 874 -24.05 0.38 27.47
C ILE A 874 -23.01 0.10 26.41
N PHE A 875 -22.86 -1.18 26.04
CA PHE A 875 -21.87 -1.56 25.05
C PHE A 875 -22.03 -0.74 23.79
N ILE A 876 -23.27 -0.61 23.30
CA ILE A 876 -23.49 0.15 22.07
C ILE A 876 -22.91 1.55 22.21
N PHE A 877 -23.31 2.25 23.27
CA PHE A 877 -22.79 3.59 23.47
C PHE A 877 -21.27 3.57 23.57
N LEU A 878 -20.74 2.64 24.36
CA LEU A 878 -19.30 2.54 24.51
C LEU A 878 -18.64 2.42 23.14
N ARG A 879 -19.20 1.55 22.29
CA ARG A 879 -18.62 1.36 20.97
C ARG A 879 -18.49 2.68 20.24
N ARG A 880 -19.58 3.45 20.20
CA ARG A 880 -19.51 4.75 19.55
C ARG A 880 -18.42 5.59 20.18
N TYR A 881 -18.45 5.70 21.52
CA TYR A 881 -17.50 6.57 22.19
C TYR A 881 -16.07 6.15 21.91
N PHE A 882 -15.84 4.90 21.53
CA PHE A 882 -14.48 4.53 21.18
C PHE A 882 -14.19 4.84 19.71
N LEU A 883 -15.09 4.44 18.83
CA LEU A 883 -14.80 4.52 17.40
C LEU A 883 -14.60 5.96 16.97
N GLU A 884 -15.45 6.85 17.46
CA GLU A 884 -15.36 8.27 17.11
C GLU A 884 -13.97 8.82 17.36
N THR A 885 -13.24 8.24 18.32
CA THR A 885 -11.84 8.61 18.52
C THR A 885 -10.90 7.68 17.79
N SER A 886 -11.16 6.37 17.85
CA SER A 886 -10.20 5.38 17.39
C SER A 886 -9.79 5.63 15.94
N ARG A 887 -10.78 5.78 15.06
CA ARG A 887 -10.47 6.03 13.66
C ARG A 887 -9.48 7.18 13.52
N ASP A 888 -9.75 8.30 14.19
CA ASP A 888 -8.84 9.43 14.13
C ASP A 888 -7.42 9.03 14.48
N VAL A 889 -7.22 8.36 15.62
CA VAL A 889 -5.86 7.97 16.00
C VAL A 889 -5.24 7.14 14.89
N LYS A 890 -5.99 6.18 14.36
CA LYS A 890 -5.46 5.36 13.27
C LYS A 890 -5.05 6.24 12.10
N ARG A 891 -5.94 7.16 11.69
CA ARG A 891 -5.60 8.07 10.62
C ARG A 891 -4.31 8.82 10.94
N LEU A 892 -4.18 9.28 12.18
CA LEU A 892 -2.98 10.01 12.56
C LEU A 892 -1.75 9.14 12.36
N GLU A 893 -1.82 7.88 12.80
CA GLU A 893 -0.66 7.01 12.64
C GLU A 893 -0.32 6.76 11.18
N SER A 894 -1.30 6.88 10.29
CA SER A 894 -0.97 6.69 8.88
C SER A 894 -0.21 7.90 8.38
N THR A 895 -0.58 9.08 8.86
CA THR A 895 0.02 10.24 8.26
C THR A 895 1.34 10.49 8.92
N THR A 896 1.63 9.78 10.01
CA THR A 896 2.90 9.98 10.66
C THR A 896 3.88 8.89 10.27
N ARG A 897 3.50 7.98 9.38
CA ARG A 897 4.44 6.92 9.08
C ARG A 897 5.25 7.20 7.82
N SER A 898 4.62 7.73 6.78
CA SER A 898 5.35 8.05 5.56
C SER A 898 6.46 9.11 5.73
N PRO A 899 6.36 10.10 6.63
CA PRO A 899 7.49 11.03 6.78
C PRO A 899 8.82 10.39 7.12
N VAL A 900 8.81 9.34 7.95
CA VAL A 900 10.06 8.69 8.34
C VAL A 900 10.75 8.11 7.12
N PHE A 901 10.02 7.39 6.30
CA PHE A 901 10.62 6.80 5.11
C PHE A 901 11.13 7.89 4.19
N SER A 902 10.37 8.97 4.05
CA SER A 902 10.81 10.04 3.17
C SER A 902 12.09 10.66 3.69
N HIS A 903 12.21 10.82 5.01
CA HIS A 903 13.46 11.36 5.51
C HIS A 903 14.61 10.41 5.23
N LEU A 904 14.36 9.11 5.38
CA LEU A 904 15.41 8.16 5.04
C LEU A 904 15.72 8.32 3.55
N SER A 905 14.67 8.43 2.74
CA SER A 905 14.89 8.61 1.32
C SER A 905 15.64 9.90 1.07
N SER A 906 15.29 10.95 1.81
CA SER A 906 15.98 12.24 1.64
C SER A 906 17.45 12.10 1.98
N SER A 907 17.75 11.34 3.03
CA SER A 907 19.14 11.12 3.42
C SER A 907 19.87 10.43 2.29
N LEU A 908 19.23 9.48 1.64
CA LEU A 908 19.88 8.78 0.54
C LEU A 908 20.15 9.70 -0.65
N GLN A 909 19.24 10.63 -1.01
CA GLN A 909 19.57 11.46 -2.18
C GLN A 909 20.78 12.34 -1.91
N GLY A 910 20.86 12.94 -0.74
CA GLY A 910 21.96 13.83 -0.45
C GLY A 910 22.98 13.36 0.56
N LEU A 911 23.31 12.07 0.53
CA LEU A 911 24.25 11.55 1.52
C LEU A 911 25.63 12.18 1.32
N TRP A 912 25.95 12.55 0.07
CA TRP A 912 27.26 13.13 -0.22
C TRP A 912 27.45 14.42 0.55
N THR A 913 26.48 15.33 0.44
CA THR A 913 26.59 16.61 1.14
C THR A 913 26.39 16.44 2.64
N ILE A 914 25.65 15.41 3.06
CA ILE A 914 25.54 15.14 4.49
C ILE A 914 26.91 14.83 5.08
N ARG A 915 27.65 13.95 4.41
CA ARG A 915 29.01 13.67 4.88
C ARG A 915 29.92 14.88 4.67
N ALA A 916 29.65 15.69 3.66
CA ALA A 916 30.46 16.88 3.40
C ALA A 916 30.37 17.89 4.53
N TYR A 917 29.16 18.11 5.06
CA TYR A 917 28.96 19.09 6.12
C TYR A 917 29.28 18.58 7.51
N LYS A 918 29.60 17.30 7.67
CA LYS A 918 29.77 16.69 8.98
C LYS A 918 28.52 16.87 9.85
N ALA A 919 27.35 16.79 9.21
CA ALA A 919 26.07 16.97 9.87
C ALA A 919 25.38 15.64 10.18
N GLU A 920 26.12 14.59 10.54
CA GLU A 920 25.46 13.32 10.83
C GLU A 920 24.58 13.43 12.07
N GLU A 921 25.02 14.15 13.10
CA GLU A 921 24.23 14.20 14.32
C GLU A 921 22.94 14.98 14.10
N ARG A 922 22.98 16.01 13.26
CA ARG A 922 21.76 16.78 12.99
C ARG A 922 20.73 15.96 12.24
N CYS A 923 21.16 15.22 11.21
CA CYS A 923 20.23 14.33 10.53
C CYS A 923 19.74 13.21 11.44
N GLN A 924 20.62 12.73 12.32
CA GLN A 924 20.19 11.72 13.29
C GLN A 924 19.12 12.27 14.22
N GLU A 925 19.29 13.50 14.69
CA GLU A 925 18.28 14.12 15.54
C GLU A 925 16.97 14.34 14.79
N LEU A 926 17.05 14.75 13.52
CA LEU A 926 15.82 14.93 12.74
C LEU A 926 15.08 13.61 12.56
N PHE A 927 15.81 12.55 12.23
CA PHE A 927 15.19 11.23 12.11
C PHE A 927 14.61 10.78 13.45
N ASP A 928 15.31 11.09 14.54
CA ASP A 928 14.84 10.73 15.86
C ASP A 928 13.55 11.44 16.20
N ALA A 929 13.44 12.73 15.85
CA ALA A 929 12.20 13.45 16.08
C ALA A 929 11.06 12.87 15.25
N HIS A 930 11.32 12.56 13.98
CA HIS A 930 10.27 11.97 13.15
C HIS A 930 9.81 10.63 13.71
N GLN A 931 10.74 9.84 14.22
CA GLN A 931 10.38 8.57 14.80
C GLN A 931 9.70 8.75 16.15
N ASP A 932 10.07 9.77 16.92
CA ASP A 932 9.41 9.98 18.19
C ASP A 932 7.96 10.40 17.99
N LEU A 933 7.71 11.20 16.96
CA LEU A 933 6.33 11.59 16.64
C LEU A 933 5.52 10.34 16.27
N HIS A 934 6.10 9.49 15.41
CA HIS A 934 5.38 8.27 15.07
C HIS A 934 5.25 7.33 16.26
N SER A 935 6.20 7.39 17.20
CA SER A 935 6.09 6.62 18.42
C SER A 935 4.93 7.12 19.27
N GLU A 936 4.72 8.43 19.30
CA GLU A 936 3.53 8.96 19.96
C GLU A 936 2.27 8.40 19.33
N ALA A 937 2.22 8.37 18.00
CA ALA A 937 1.05 7.82 17.32
C ALA A 937 0.83 6.35 17.67
N TRP A 938 1.89 5.56 17.64
CA TRP A 938 1.77 4.13 17.90
C TRP A 938 1.39 3.86 19.34
N PHE A 939 1.96 4.62 20.27
CA PHE A 939 1.60 4.48 21.68
C PHE A 939 0.13 4.81 21.90
N LEU A 940 -0.34 5.89 21.28
CA LEU A 940 -1.76 6.23 21.40
C LEU A 940 -2.64 5.12 20.83
N PHE A 941 -2.25 4.56 19.69
CA PHE A 941 -3.05 3.50 19.08
C PHE A 941 -3.13 2.28 19.99
N LEU A 942 -1.98 1.83 20.49
CA LEU A 942 -1.96 0.67 21.38
C LEU A 942 -2.81 0.93 22.63
N THR A 943 -2.64 2.10 23.23
CA THR A 943 -3.30 2.37 24.49
C THR A 943 -4.81 2.51 24.32
N THR A 944 -5.26 3.16 23.25
CA THR A 944 -6.70 3.29 23.05
C THR A 944 -7.33 1.93 22.74
N SER A 945 -6.63 1.10 21.97
CA SER A 945 -7.15 -0.25 21.71
C SER A 945 -7.29 -1.03 23.01
N ARG A 946 -6.28 -0.93 23.88
CA ARG A 946 -6.37 -1.63 25.15
C ARG A 946 -7.45 -1.07 26.06
N TRP A 947 -7.69 0.24 26.01
CA TRP A 947 -8.77 0.83 26.78
C TRP A 947 -10.12 0.22 26.39
N PHE A 948 -10.40 0.20 25.09
CA PHE A 948 -11.65 -0.40 24.64
C PHE A 948 -11.72 -1.88 24.99
N ALA A 949 -10.60 -2.60 24.84
CA ALA A 949 -10.59 -4.02 25.16
C ALA A 949 -10.87 -4.26 26.64
N VAL A 950 -10.28 -3.45 27.51
CA VAL A 950 -10.52 -3.58 28.95
C VAL A 950 -11.98 -3.40 29.26
N ARG A 951 -12.61 -2.37 28.69
CA ARG A 951 -14.01 -2.16 29.03
C ARG A 951 -14.89 -3.29 28.49
N LEU A 952 -14.61 -3.78 27.29
CA LEU A 952 -15.39 -4.89 26.75
C LEU A 952 -15.25 -6.14 27.60
N ASP A 953 -14.02 -6.49 27.98
CA ASP A 953 -13.85 -7.68 28.81
C ASP A 953 -14.43 -7.49 30.20
N ALA A 954 -14.47 -6.25 30.70
CA ALA A 954 -15.16 -6.00 31.95
C ALA A 954 -16.65 -6.30 31.81
N ILE A 955 -17.24 -5.91 30.69
CA ILE A 955 -18.66 -6.24 30.44
C ILE A 955 -18.85 -7.75 30.41
N CYS A 956 -17.97 -8.46 29.70
CA CYS A 956 -18.09 -9.91 29.60
C CYS A 956 -17.93 -10.57 30.97
N ALA A 957 -16.99 -10.09 31.77
CA ALA A 957 -16.81 -10.65 33.11
C ALA A 957 -18.02 -10.38 33.98
N MET A 958 -18.63 -9.21 33.83
CA MET A 958 -19.86 -8.93 34.54
C MET A 958 -20.95 -9.93 34.14
N PHE A 959 -21.02 -10.25 32.85
CA PHE A 959 -21.99 -11.27 32.41
C PHE A 959 -21.71 -12.62 33.04
N VAL A 960 -20.44 -13.03 33.09
CA VAL A 960 -20.13 -14.33 33.67
C VAL A 960 -20.48 -14.37 35.15
N ILE A 961 -20.16 -13.30 35.89
CA ILE A 961 -20.51 -13.22 37.29
C ILE A 961 -22.02 -13.29 37.47
N ILE A 962 -22.75 -12.55 36.63
CA ILE A 962 -24.21 -12.52 36.70
C ILE A 962 -24.78 -13.91 36.51
N VAL A 963 -24.31 -14.63 35.47
CA VAL A 963 -24.82 -15.97 35.22
C VAL A 963 -24.52 -16.90 36.38
N ALA A 964 -23.27 -16.94 36.82
CA ALA A 964 -22.88 -17.92 37.83
C ALA A 964 -23.62 -17.68 39.13
N PHE A 965 -23.79 -16.42 39.50
CA PHE A 965 -24.44 -16.19 40.77
C PHE A 965 -25.95 -16.27 40.66
N GLY A 966 -26.57 -15.84 39.56
CA GLY A 966 -28.01 -16.08 39.48
C GLY A 966 -28.34 -17.55 39.40
N SER A 967 -27.43 -18.36 38.88
CA SER A 967 -27.57 -19.81 38.96
C SER A 967 -27.54 -20.27 40.42
N LEU A 968 -26.67 -19.67 41.21
CA LEU A 968 -26.52 -20.04 42.62
C LEU A 968 -27.68 -19.57 43.49
N ILE A 969 -28.21 -18.36 43.22
CA ILE A 969 -29.30 -17.80 44.03
C ILE A 969 -30.55 -18.66 43.97
N LEU A 970 -30.95 -19.13 42.81
CA LEU A 970 -32.15 -19.97 42.80
C LEU A 970 -31.78 -21.44 42.92
N ALA A 971 -31.19 -22.01 41.88
CA ALA A 971 -30.84 -23.43 41.86
C ALA A 971 -32.02 -24.38 41.98
N LYS A 972 -33.10 -23.93 42.62
CA LYS A 972 -34.26 -24.79 42.83
C LYS A 972 -34.89 -25.18 41.52
N THR A 973 -34.93 -24.26 40.56
CA THR A 973 -35.62 -24.45 39.29
C THR A 973 -34.67 -24.87 38.18
N LEU A 974 -33.44 -25.23 38.52
CA LEU A 974 -32.42 -25.59 37.55
C LEU A 974 -31.84 -26.95 37.93
N ASP A 975 -31.34 -27.67 36.94
CA ASP A 975 -30.70 -28.95 37.17
C ASP A 975 -29.26 -28.84 36.66
N ALA A 976 -28.49 -29.92 36.83
CA ALA A 976 -27.06 -29.87 36.57
C ALA A 976 -26.76 -29.60 35.09
N GLY A 977 -27.51 -30.21 34.18
CA GLY A 977 -27.18 -30.08 32.77
C GLY A 977 -27.29 -28.65 32.28
N GLN A 978 -28.39 -27.98 32.63
CA GLN A 978 -28.59 -26.62 32.17
C GLN A 978 -27.54 -25.68 32.76
N VAL A 979 -27.26 -25.82 34.05
CA VAL A 979 -26.26 -24.97 34.69
C VAL A 979 -24.89 -25.19 34.06
N GLY A 980 -24.50 -26.45 33.83
CA GLY A 980 -23.22 -26.71 33.20
C GLY A 980 -23.12 -26.11 31.82
N LEU A 981 -24.17 -26.27 31.02
CA LEU A 981 -24.15 -25.73 29.66
C LEU A 981 -24.01 -24.23 29.68
N ALA A 982 -24.85 -23.56 30.49
CA ALA A 982 -24.85 -22.11 30.55
C ALA A 982 -23.52 -21.58 31.06
N LEU A 983 -22.97 -22.18 32.11
CA LEU A 983 -21.71 -21.68 32.66
C LEU A 983 -20.55 -21.89 31.69
N SER A 984 -20.49 -23.04 31.01
CA SER A 984 -19.41 -23.26 30.07
C SER A 984 -19.48 -22.27 28.91
N TYR A 985 -20.69 -21.92 28.49
CA TYR A 985 -20.79 -20.95 27.42
C TYR A 985 -20.45 -19.56 27.92
N ALA A 986 -20.85 -19.20 29.14
CA ALA A 986 -20.41 -17.90 29.64
C ALA A 986 -18.90 -17.85 29.75
N LEU A 987 -18.27 -18.99 30.07
CA LEU A 987 -16.82 -19.06 30.19
C LEU A 987 -16.12 -18.98 28.85
N THR A 988 -16.87 -19.11 27.75
CA THR A 988 -16.27 -18.97 26.43
C THR A 988 -16.68 -17.68 25.71
N LEU A 989 -17.70 -17.00 26.21
CA LEU A 989 -18.17 -15.73 25.63
C LEU A 989 -17.10 -14.66 25.43
N MET A 990 -16.10 -14.58 26.32
CA MET A 990 -15.12 -13.50 26.29
C MET A 990 -14.33 -13.39 24.98
N GLY A 991 -13.60 -14.45 24.63
CA GLY A 991 -12.82 -14.40 23.40
C GLY A 991 -13.67 -14.19 22.16
N MET A 992 -14.83 -14.85 22.10
CA MET A 992 -15.69 -14.71 20.93
C MET A 992 -16.18 -13.28 20.80
N PHE A 993 -16.54 -12.66 21.93
CA PHE A 993 -17.02 -11.28 21.87
C PHE A 993 -15.92 -10.34 21.40
N GLN A 994 -14.69 -10.53 21.90
CA GLN A 994 -13.59 -9.69 21.45
C GLN A 994 -13.38 -9.83 19.94
N TRP A 995 -13.38 -11.07 19.45
CA TRP A 995 -13.22 -11.28 18.03
C TRP A 995 -14.31 -10.59 17.24
N CYS A 996 -15.57 -10.76 17.67
CA CYS A 996 -16.67 -10.21 16.90
C CYS A 996 -16.62 -8.70 16.84
N VAL A 997 -16.33 -8.03 17.95
CA VAL A 997 -16.30 -6.57 17.92
C VAL A 997 -15.17 -6.07 17.03
N ARG A 998 -13.96 -6.65 17.17
CA ARG A 998 -12.87 -6.14 16.36
C ARG A 998 -13.10 -6.40 14.89
N GLN A 999 -13.64 -7.59 14.55
CA GLN A 999 -13.92 -7.92 13.16
C GLN A 999 -15.02 -7.05 12.59
N SER A 1000 -16.03 -6.70 13.39
CA SER A 1000 -17.06 -5.79 12.91
C SER A 1000 -16.46 -4.44 12.59
N ALA A 1001 -15.56 -3.96 13.44
CA ALA A 1001 -14.88 -2.71 13.15
C ALA A 1001 -14.09 -2.80 11.85
N GLU A 1002 -13.40 -3.93 11.66
CA GLU A 1002 -12.62 -4.12 10.44
C GLU A 1002 -13.50 -4.13 9.20
N VAL A 1003 -14.64 -4.81 9.26
CA VAL A 1003 -15.54 -4.87 8.11
C VAL A 1003 -16.10 -3.48 7.79
N GLU A 1004 -16.52 -2.75 8.83
CA GLU A 1004 -17.06 -1.41 8.60
C GLU A 1004 -16.01 -0.47 8.02
N ASN A 1005 -14.75 -0.62 8.45
CA ASN A 1005 -13.70 0.20 7.84
C ASN A 1005 -13.44 -0.19 6.39
N MET A 1006 -13.47 -1.50 6.09
CA MET A 1006 -13.10 -1.96 4.76
C MET A 1006 -14.23 -1.80 3.74
N MET A 1007 -15.46 -1.57 4.19
CA MET A 1007 -16.54 -1.37 3.22
C MET A 1007 -16.42 -0.06 2.45
N ILE A 1008 -15.48 0.80 2.81
CA ILE A 1008 -15.28 2.02 2.02
C ILE A 1008 -14.84 1.67 0.62
N SER A 1009 -14.10 0.56 0.46
CA SER A 1009 -13.75 0.11 -0.88
C SER A 1009 -14.99 -0.25 -1.68
N VAL A 1010 -15.95 -0.93 -1.06
CA VAL A 1010 -17.21 -1.23 -1.72
C VAL A 1010 -17.93 0.05 -2.11
N GLU A 1011 -17.93 1.04 -1.21
CA GLU A 1011 -18.57 2.32 -1.52
C GLU A 1011 -17.94 2.95 -2.75
N ARG A 1012 -16.60 2.94 -2.81
CA ARG A 1012 -15.89 3.50 -3.96
C ARG A 1012 -16.22 2.72 -5.22
N VAL A 1013 -16.28 1.41 -5.11
CA VAL A 1013 -16.59 0.57 -6.26
C VAL A 1013 -17.98 0.89 -6.79
N ILE A 1014 -18.97 1.04 -5.92
CA ILE A 1014 -20.31 1.38 -6.40
C ILE A 1014 -20.31 2.78 -7.03
N GLU A 1015 -19.51 3.69 -6.49
CA GLU A 1015 -19.41 5.02 -7.08
C GLU A 1015 -18.86 4.94 -8.50
N TYR A 1016 -17.84 4.12 -8.72
CA TYR A 1016 -17.37 4.00 -10.10
C TYR A 1016 -18.38 3.24 -10.94
N THR A 1017 -19.13 2.33 -10.31
CA THR A 1017 -20.06 1.48 -11.02
C THR A 1017 -21.19 2.28 -11.65
N ASP A 1018 -21.45 3.49 -11.15
CA ASP A 1018 -22.60 4.23 -11.65
C ASP A 1018 -22.23 5.60 -12.24
N LEU A 1019 -20.99 5.80 -12.68
CA LEU A 1019 -20.65 7.09 -13.27
C LEU A 1019 -21.31 7.25 -14.63
N GLU A 1020 -21.52 8.50 -15.05
CA GLU A 1020 -22.24 8.78 -16.28
C GLU A 1020 -21.52 8.23 -17.50
N LYS A 1021 -22.28 7.58 -18.39
CA LYS A 1021 -21.76 7.01 -19.62
C LYS A 1021 -22.28 7.79 -20.82
N GLU A 1022 -21.60 7.62 -21.95
CA GLU A 1022 -21.98 8.31 -23.17
C GLU A 1022 -23.02 7.53 -23.95
N ALA A 1023 -23.22 7.96 -25.18
CA ALA A 1023 -24.18 7.40 -26.08
C ALA A 1023 -23.79 5.95 -26.40
N PRO A 1024 -24.76 5.09 -26.67
CA PRO A 1024 -24.45 3.70 -27.00
C PRO A 1024 -23.67 3.59 -28.31
N TRP A 1025 -22.87 2.52 -28.42
CA TRP A 1025 -21.97 2.39 -29.56
C TRP A 1025 -22.75 2.32 -30.87
N GLU A 1026 -23.94 1.75 -30.83
CA GLU A 1026 -24.78 1.54 -32.01
C GLU A 1026 -26.12 2.07 -31.50
N TYR A 1027 -26.79 2.95 -32.25
CA TYR A 1027 -28.10 3.33 -31.72
C TYR A 1027 -29.28 2.54 -32.26
N GLN A 1028 -29.76 2.96 -33.43
CA GLN A 1028 -30.83 2.28 -34.14
C GLN A 1028 -30.48 2.42 -35.60
N LYS A 1029 -30.02 3.63 -35.95
CA LYS A 1029 -29.66 4.02 -37.30
C LYS A 1029 -29.13 2.84 -38.09
N ARG A 1030 -27.93 2.31 -37.74
CA ARG A 1030 -27.35 1.25 -38.56
C ARG A 1030 -27.49 1.65 -40.01
N PRO A 1031 -26.54 2.37 -40.58
CA PRO A 1031 -26.60 2.68 -41.99
C PRO A 1031 -26.28 1.47 -42.84
N PRO A 1032 -26.72 1.45 -44.10
CA PRO A 1032 -26.32 0.37 -44.99
C PRO A 1032 -24.82 0.41 -45.19
N PRO A 1033 -24.19 -0.74 -45.47
CA PRO A 1033 -22.74 -0.73 -45.68
C PRO A 1033 -22.36 0.18 -46.83
N ALA A 1034 -21.05 0.35 -47.02
CA ALA A 1034 -20.50 1.16 -48.10
C ALA A 1034 -20.97 2.59 -47.90
N TRP A 1035 -21.12 2.89 -46.61
CA TRP A 1035 -21.61 4.15 -46.08
C TRP A 1035 -20.83 5.41 -46.39
N PRO A 1036 -19.57 5.48 -46.21
CA PRO A 1036 -18.90 6.75 -46.40
C PRO A 1036 -18.86 7.00 -47.89
N HIS A 1037 -20.11 7.10 -48.36
CA HIS A 1037 -20.42 7.35 -49.74
C HIS A 1037 -19.87 8.69 -50.14
N GLU A 1038 -20.11 9.70 -49.32
CA GLU A 1038 -19.67 11.02 -49.67
C GLU A 1038 -18.54 11.54 -48.81
N GLY A 1039 -18.60 11.34 -47.49
CA GLY A 1039 -17.51 11.86 -46.69
C GLY A 1039 -17.67 13.33 -46.48
N VAL A 1040 -18.87 13.84 -46.76
CA VAL A 1040 -19.21 15.25 -46.65
C VAL A 1040 -19.63 15.55 -45.22
N ILE A 1041 -18.87 16.39 -44.53
CA ILE A 1041 -19.27 16.81 -43.20
C ILE A 1041 -19.26 18.33 -43.14
N ILE A 1042 -20.29 18.88 -42.49
CA ILE A 1042 -20.42 20.33 -42.32
C ILE A 1042 -20.87 20.63 -40.89
N PHE A 1043 -20.57 21.85 -40.45
CA PHE A 1043 -20.93 22.38 -39.14
C PHE A 1043 -21.78 23.62 -39.39
N ASP A 1044 -22.87 23.75 -38.63
CA ASP A 1044 -23.96 24.70 -38.86
C ASP A 1044 -24.42 25.32 -37.53
N ASN A 1045 -23.88 26.52 -37.22
CA ASN A 1045 -24.01 27.18 -35.93
C ASN A 1045 -23.81 26.18 -34.81
N VAL A 1046 -22.54 25.87 -34.61
CA VAL A 1046 -22.03 25.10 -33.49
C VAL A 1046 -21.42 26.04 -32.47
N ASN A 1047 -21.78 25.84 -31.21
CA ASN A 1047 -21.33 26.64 -30.09
C ASN A 1047 -20.64 25.61 -29.21
N PHE A 1048 -19.31 25.57 -29.32
CA PHE A 1048 -18.53 24.55 -28.64
C PHE A 1048 -18.44 24.78 -27.15
N MET A 1049 -18.65 23.70 -26.41
CA MET A 1049 -18.45 23.67 -24.98
C MET A 1049 -17.36 22.61 -24.91
N TYR A 1050 -16.16 22.99 -24.48
CA TYR A 1050 -15.06 22.04 -24.26
C TYR A 1050 -15.37 21.03 -23.16
N SER A 1051 -15.84 21.50 -22.02
CA SER A 1051 -16.23 20.75 -20.85
C SER A 1051 -17.57 21.36 -20.49
N PRO A 1052 -18.55 20.59 -20.00
CA PRO A 1052 -19.83 21.22 -19.67
C PRO A 1052 -19.62 22.29 -18.62
N GLY A 1053 -20.05 23.51 -18.98
CA GLY A 1053 -19.89 24.72 -18.22
C GLY A 1053 -18.54 25.38 -18.43
N GLY A 1054 -17.74 24.94 -19.41
CA GLY A 1054 -16.44 25.52 -19.65
C GLY A 1054 -16.40 26.62 -20.70
N PRO A 1055 -15.23 26.84 -21.29
CA PRO A 1055 -15.07 27.90 -22.29
C PRO A 1055 -15.66 27.54 -23.66
N LEU A 1056 -15.86 28.60 -24.46
CA LEU A 1056 -16.34 28.50 -25.84
C LEU A 1056 -15.14 28.44 -26.79
N VAL A 1057 -15.02 27.37 -27.59
CA VAL A 1057 -13.88 27.30 -28.49
C VAL A 1057 -14.24 27.32 -29.98
N LEU A 1058 -15.39 26.80 -30.41
CA LEU A 1058 -15.75 26.93 -31.83
C LEU A 1058 -17.18 27.41 -32.01
N LYS A 1059 -17.35 28.49 -32.77
CA LYS A 1059 -18.62 29.12 -33.08
C LYS A 1059 -18.85 29.18 -34.60
N HIS A 1060 -19.74 28.32 -35.09
CA HIS A 1060 -20.18 28.20 -36.50
C HIS A 1060 -19.10 27.94 -37.58
N LEU A 1061 -18.31 26.88 -37.35
CA LEU A 1061 -17.28 26.35 -38.26
C LEU A 1061 -18.00 25.78 -39.49
N THR A 1062 -17.71 26.23 -40.72
CA THR A 1062 -18.49 25.73 -41.86
C THR A 1062 -17.67 25.16 -43.04
N ALA A 1063 -16.91 24.08 -42.78
CA ALA A 1063 -16.06 23.41 -43.77
C ALA A 1063 -16.89 22.59 -44.75
N LEU A 1064 -16.33 22.33 -45.96
CA LEU A 1064 -16.99 21.58 -47.04
C LEU A 1064 -16.16 20.45 -47.70
N ILE A 1065 -16.44 19.19 -47.33
CA ILE A 1065 -15.74 18.00 -47.86
C ILE A 1065 -16.64 17.32 -48.88
N LYS A 1066 -16.15 17.13 -50.12
CA LYS A 1066 -16.93 16.52 -51.21
C LYS A 1066 -17.10 14.98 -51.08
N SER A 1067 -18.00 14.44 -51.93
CA SER A 1067 -18.35 13.01 -52.00
C SER A 1067 -17.29 12.08 -52.61
N GLN A 1068 -17.03 10.93 -51.93
CA GLN A 1068 -16.21 9.83 -52.48
C GLN A 1068 -14.83 10.40 -52.78
N GLU A 1069 -14.29 11.03 -51.78
CA GLU A 1069 -13.14 11.91 -51.93
C GLU A 1069 -12.01 11.71 -50.95
N LYS A 1070 -10.81 11.80 -51.49
CA LYS A 1070 -9.60 11.63 -50.72
C LYS A 1070 -9.25 13.04 -50.26
N VAL A 1071 -10.22 13.53 -49.45
CA VAL A 1071 -10.28 14.87 -48.89
C VAL A 1071 -10.69 14.66 -47.44
N GLY A 1072 -10.15 15.51 -46.57
CA GLY A 1072 -10.44 15.48 -45.15
C GLY A 1072 -10.80 16.84 -44.57
N ILE A 1073 -11.26 16.80 -43.32
CA ILE A 1073 -11.71 17.95 -42.55
C ILE A 1073 -10.84 17.92 -41.29
N VAL A 1074 -10.17 19.04 -40.95
CA VAL A 1074 -9.39 19.15 -39.71
C VAL A 1074 -9.54 20.48 -38.97
N GLY A 1075 -9.55 20.38 -37.63
CA GLY A 1075 -9.69 21.54 -36.76
C GLY A 1075 -8.32 21.62 -36.09
N ARG A 1076 -8.21 22.28 -34.93
CA ARG A 1076 -6.88 22.37 -34.34
C ARG A 1076 -6.75 22.01 -32.86
N THR A 1077 -7.50 22.69 -32.00
CA THR A 1077 -7.41 22.38 -30.58
C THR A 1077 -7.83 20.95 -30.27
N GLY A 1078 -7.32 20.45 -29.14
CA GLY A 1078 -7.66 19.13 -28.64
C GLY A 1078 -9.14 18.92 -28.50
N ALA A 1079 -9.90 19.97 -28.74
CA ALA A 1079 -11.34 20.01 -28.69
C ALA A 1079 -11.97 20.49 -29.99
N GLY A 1080 -11.23 21.23 -30.84
CA GLY A 1080 -11.73 21.70 -32.11
C GLY A 1080 -11.52 20.54 -33.06
N LYS A 1081 -10.31 19.98 -33.00
CA LYS A 1081 -10.05 18.86 -33.89
C LYS A 1081 -10.81 17.68 -33.30
N SER A 1082 -11.04 17.74 -31.98
CA SER A 1082 -11.84 16.69 -31.38
C SER A 1082 -13.29 16.93 -31.75
N SER A 1083 -13.62 18.16 -32.16
CA SER A 1083 -14.98 18.43 -32.60
C SER A 1083 -15.19 17.66 -33.87
N LEU A 1084 -14.12 17.63 -34.69
CA LEU A 1084 -14.15 16.84 -35.91
C LEU A 1084 -14.29 15.39 -35.52
N ILE A 1085 -13.57 15.01 -34.47
CA ILE A 1085 -13.67 13.66 -33.93
C ILE A 1085 -15.07 13.36 -33.44
N SER A 1086 -15.71 14.29 -32.78
CA SER A 1086 -17.07 14.02 -32.33
C SER A 1086 -17.92 13.76 -33.54
N ALA A 1087 -17.66 14.52 -34.61
CA ALA A 1087 -18.38 14.30 -35.85
C ALA A 1087 -18.05 12.91 -36.40
N LEU A 1088 -16.76 12.49 -36.34
CA LEU A 1088 -16.43 11.14 -36.80
C LEU A 1088 -15.73 10.24 -35.77
N PHE A 1089 -14.71 10.70 -35.02
CA PHE A 1089 -14.04 9.79 -34.08
C PHE A 1089 -14.71 9.75 -32.70
N ARG A 1090 -15.63 10.69 -32.42
CA ARG A 1090 -16.51 10.81 -31.25
C ARG A 1090 -15.79 11.02 -29.90
N LEU A 1091 -15.26 12.23 -29.68
CA LEU A 1091 -14.47 12.49 -28.46
C LEU A 1091 -14.80 13.80 -27.74
N SER A 1092 -15.41 14.79 -28.40
CA SER A 1092 -15.87 16.02 -27.78
C SER A 1092 -17.40 16.06 -27.85
N GLU A 1093 -18.01 17.22 -27.55
CA GLU A 1093 -19.46 17.38 -27.71
C GLU A 1093 -19.92 18.66 -28.39
N PRO A 1094 -19.75 18.78 -29.71
CA PRO A 1094 -20.22 19.97 -30.42
C PRO A 1094 -21.73 20.08 -30.30
N GLU A 1095 -22.23 21.30 -30.18
CA GLU A 1095 -23.67 21.55 -30.10
C GLU A 1095 -24.37 21.64 -31.46
N GLY A 1096 -23.87 22.49 -32.34
CA GLY A 1096 -24.38 22.73 -33.69
C GLY A 1096 -24.74 21.61 -34.64
N LYS A 1097 -25.51 21.97 -35.66
CA LYS A 1097 -26.00 21.04 -36.68
C LYS A 1097 -24.81 20.51 -37.48
N ILE A 1098 -24.61 19.19 -37.49
CA ILE A 1098 -23.44 18.58 -38.14
C ILE A 1098 -23.90 17.58 -39.20
N TRP A 1099 -23.52 17.82 -40.45
CA TRP A 1099 -23.84 16.93 -41.59
C TRP A 1099 -22.74 16.01 -42.06
N ILE A 1100 -22.64 14.77 -41.53
CA ILE A 1100 -21.71 13.82 -42.13
C ILE A 1100 -22.46 13.01 -43.18
N ASP A 1101 -21.92 12.91 -44.38
CA ASP A 1101 -22.58 12.22 -45.50
C ASP A 1101 -24.03 12.69 -45.68
N LYS A 1102 -24.26 13.99 -45.54
CA LYS A 1102 -25.59 14.59 -45.72
C LYS A 1102 -26.61 13.94 -44.76
N ILE A 1103 -26.10 13.38 -43.67
CA ILE A 1103 -26.84 12.90 -42.50
C ILE A 1103 -26.18 13.41 -41.23
N LEU A 1104 -26.97 13.84 -40.26
CA LEU A 1104 -26.39 14.35 -39.02
C LEU A 1104 -25.60 13.30 -38.23
N THR A 1105 -24.45 13.74 -37.73
CA THR A 1105 -23.52 12.86 -37.02
C THR A 1105 -24.15 12.25 -35.79
N THR A 1106 -25.17 12.91 -35.24
CA THR A 1106 -25.73 12.51 -33.96
C THR A 1106 -26.36 11.13 -34.04
N GLU A 1107 -27.10 10.85 -35.12
CA GLU A 1107 -27.90 9.64 -35.23
C GLU A 1107 -27.07 8.38 -35.39
N ILE A 1108 -25.74 8.47 -35.59
CA ILE A 1108 -24.89 7.29 -35.72
C ILE A 1108 -24.25 6.92 -34.39
N GLY A 1109 -24.30 5.63 -34.06
CA GLY A 1109 -23.75 5.12 -32.81
C GLY A 1109 -22.25 5.37 -32.72
N LEU A 1110 -21.69 5.09 -31.53
CA LEU A 1110 -20.27 5.41 -31.31
C LEU A 1110 -19.31 4.64 -32.22
N HIS A 1111 -19.34 3.30 -32.21
CA HIS A 1111 -18.38 2.57 -33.03
C HIS A 1111 -18.72 2.65 -34.50
N ASP A 1112 -20.00 2.61 -34.82
CA ASP A 1112 -20.42 2.70 -36.21
C ASP A 1112 -20.06 4.06 -36.77
N LEU A 1113 -19.74 5.01 -35.89
CA LEU A 1113 -19.27 6.32 -36.27
C LEU A 1113 -17.74 6.29 -36.32
N ARG A 1114 -17.09 5.72 -35.29
CA ARG A 1114 -15.64 5.56 -35.13
C ARG A 1114 -14.94 4.67 -36.16
N LYS A 1115 -15.66 3.78 -36.83
CA LYS A 1115 -15.09 2.81 -37.76
C LYS A 1115 -14.36 3.36 -39.00
N LYS A 1116 -14.94 4.30 -39.74
CA LYS A 1116 -14.28 4.81 -40.95
C LYS A 1116 -13.40 6.08 -40.85
N MET A 1117 -12.55 6.17 -39.84
CA MET A 1117 -11.69 7.32 -39.51
C MET A 1117 -10.30 6.91 -39.04
N SER A 1118 -9.30 7.09 -39.89
CA SER A 1118 -7.92 6.65 -39.62
C SER A 1118 -7.14 7.84 -39.02
N ILE A 1119 -6.34 7.62 -37.94
CA ILE A 1119 -5.69 8.71 -37.19
C ILE A 1119 -4.29 8.40 -36.63
N ILE A 1120 -3.44 9.43 -36.61
CA ILE A 1120 -2.12 9.40 -35.96
C ILE A 1120 -1.97 10.36 -34.78
N PRO A 1121 -1.78 9.82 -33.57
CA PRO A 1121 -1.63 10.61 -32.33
C PRO A 1121 -0.31 11.40 -32.26
N GLN A 1122 -0.26 12.33 -31.28
CA GLN A 1122 0.98 13.07 -31.03
C GLN A 1122 2.10 12.10 -30.63
N GLU A 1123 1.78 11.10 -29.80
CA GLU A 1123 2.77 10.11 -29.39
C GLU A 1123 2.19 8.76 -29.78
N PRO A 1124 2.55 8.26 -30.96
CA PRO A 1124 1.97 6.98 -31.44
C PRO A 1124 2.31 5.79 -30.55
N VAL A 1125 1.57 5.72 -29.44
CA VAL A 1125 1.81 4.74 -28.38
C VAL A 1125 1.58 3.31 -28.88
N LEU A 1126 2.27 2.37 -28.22
CA LEU A 1126 2.24 0.93 -28.50
C LEU A 1126 1.79 0.15 -27.26
N PHE A 1127 0.93 -0.83 -27.47
CA PHE A 1127 0.39 -1.66 -26.40
C PHE A 1127 0.98 -3.07 -26.29
N THR A 1128 1.16 -3.48 -25.04
CA THR A 1128 1.71 -4.80 -24.69
C THR A 1128 0.76 -5.89 -25.17
N GLY A 1129 1.33 -6.92 -25.77
CA GLY A 1129 0.58 -8.00 -26.34
C GLY A 1129 1.35 -8.46 -27.56
N THR A 1130 0.74 -9.35 -28.32
CA THR A 1130 1.48 -9.82 -29.47
C THR A 1130 1.58 -8.72 -30.54
N MET A 1131 2.61 -8.86 -31.39
CA MET A 1131 2.79 -8.04 -32.59
C MET A 1131 1.57 -8.10 -33.50
N ARG A 1132 0.96 -9.27 -33.59
CA ARG A 1132 -0.21 -9.46 -34.45
C ARG A 1132 -1.36 -8.60 -33.96
N LYS A 1133 -1.54 -8.55 -32.65
CA LYS A 1133 -2.63 -7.80 -32.04
C LYS A 1133 -2.44 -6.30 -32.27
N ASN A 1134 -1.19 -5.84 -32.22
CA ASN A 1134 -0.96 -4.41 -32.47
C ASN A 1134 -1.19 -4.06 -33.94
N LEU A 1135 -0.82 -4.93 -34.87
CA LEU A 1135 -1.04 -4.52 -36.26
C LEU A 1135 -2.51 -4.62 -36.65
N ASP A 1136 -3.21 -5.62 -36.14
CA ASP A 1136 -4.62 -5.78 -36.51
C ASP A 1136 -5.30 -6.55 -35.40
N PRO A 1137 -5.89 -5.88 -34.40
CA PRO A 1137 -6.53 -6.63 -33.32
C PRO A 1137 -7.88 -7.18 -33.71
N PHE A 1138 -8.51 -6.64 -34.74
CA PHE A 1138 -9.81 -7.08 -35.20
C PHE A 1138 -9.71 -8.14 -36.30
N ASN A 1139 -8.49 -8.46 -36.76
CA ASN A 1139 -8.26 -9.52 -37.75
C ASN A 1139 -9.02 -9.35 -39.07
N GLU A 1140 -9.09 -8.14 -39.61
CA GLU A 1140 -9.78 -7.95 -40.89
C GLU A 1140 -8.87 -8.09 -42.11
N HIS A 1141 -7.57 -8.31 -41.94
CA HIS A 1141 -6.67 -8.42 -43.08
C HIS A 1141 -6.01 -9.79 -43.14
N THR A 1142 -6.03 -10.37 -44.34
CA THR A 1142 -5.41 -11.64 -44.69
C THR A 1142 -3.89 -11.52 -44.61
N ASP A 1143 -3.22 -12.66 -44.44
CA ASP A 1143 -1.81 -12.64 -44.08
C ASP A 1143 -0.96 -11.96 -45.16
N GLU A 1144 -1.18 -12.30 -46.42
CA GLU A 1144 -0.35 -11.68 -47.43
C GLU A 1144 -0.58 -10.18 -47.48
N GLU A 1145 -1.72 -9.72 -46.95
CA GLU A 1145 -1.97 -8.29 -46.81
C GLU A 1145 -1.01 -7.64 -45.82
N LEU A 1146 -0.83 -8.21 -44.63
CA LEU A 1146 0.20 -7.61 -43.77
C LEU A 1146 1.57 -7.72 -44.42
N TRP A 1147 1.87 -8.84 -45.09
CA TRP A 1147 3.19 -8.96 -45.71
C TRP A 1147 3.44 -7.83 -46.71
N ASN A 1148 2.54 -7.66 -47.67
CA ASN A 1148 2.80 -6.67 -48.70
C ASN A 1148 2.57 -5.26 -48.18
N ALA A 1149 1.67 -5.08 -47.21
CA ALA A 1149 1.50 -3.77 -46.61
C ALA A 1149 2.76 -3.29 -45.89
N LEU A 1150 3.41 -4.14 -45.08
CA LEU A 1150 4.63 -3.64 -44.47
C LEU A 1150 5.77 -3.50 -45.46
N GLN A 1151 5.81 -4.31 -46.53
CA GLN A 1151 6.92 -4.06 -47.45
C GLN A 1151 6.68 -2.77 -48.25
N GLU A 1152 5.43 -2.48 -48.64
CA GLU A 1152 5.16 -1.22 -49.33
C GLU A 1152 5.50 -0.03 -48.45
N VAL A 1153 5.23 -0.14 -47.16
CA VAL A 1153 5.50 0.92 -46.20
C VAL A 1153 6.84 0.70 -45.50
N GLN A 1154 7.68 -0.13 -46.12
CA GLN A 1154 9.06 -0.49 -45.78
C GLN A 1154 9.40 -0.81 -44.32
N LEU A 1155 8.50 -1.41 -43.57
CA LEU A 1155 8.84 -1.83 -42.22
C LEU A 1155 9.34 -3.26 -42.22
N LYS A 1156 9.22 -3.97 -43.36
CA LYS A 1156 9.54 -5.39 -43.38
C LYS A 1156 11.00 -5.67 -43.05
N GLU A 1157 11.92 -4.77 -43.41
CA GLU A 1157 13.32 -5.09 -43.09
C GLU A 1157 13.51 -5.11 -41.59
N THR A 1158 12.74 -4.26 -40.89
CA THR A 1158 12.79 -4.12 -39.44
C THR A 1158 12.09 -5.29 -38.75
N ILE A 1159 10.97 -5.76 -39.31
CA ILE A 1159 10.16 -6.76 -38.63
C ILE A 1159 10.60 -8.17 -38.98
N GLU A 1160 11.27 -8.36 -40.11
CA GLU A 1160 11.69 -9.72 -40.45
C GLU A 1160 12.73 -10.20 -39.44
N ASP A 1161 13.59 -9.28 -38.99
CA ASP A 1161 14.60 -9.63 -38.00
C ASP A 1161 14.02 -9.77 -36.59
N LEU A 1162 12.77 -9.38 -36.35
CA LEU A 1162 12.23 -9.54 -35.00
C LEU A 1162 12.11 -11.03 -34.72
N PRO A 1163 12.50 -11.50 -33.53
CA PRO A 1163 12.37 -12.93 -33.26
C PRO A 1163 10.95 -13.47 -33.29
N GLY A 1164 9.97 -12.68 -32.87
CA GLY A 1164 8.59 -13.18 -32.92
C GLY A 1164 7.90 -13.14 -34.26
N LYS A 1165 8.51 -12.53 -35.28
CA LYS A 1165 7.92 -12.48 -36.63
C LYS A 1165 6.61 -11.73 -36.37
N MET A 1166 5.44 -12.21 -36.80
CA MET A 1166 4.21 -11.46 -36.66
C MET A 1166 3.68 -11.51 -35.24
N ASP A 1167 3.87 -12.61 -34.53
CA ASP A 1167 3.27 -12.75 -33.21
C ASP A 1167 4.29 -12.41 -32.13
N THR A 1168 5.16 -11.44 -32.42
CA THR A 1168 6.16 -11.02 -31.44
C THR A 1168 5.50 -10.38 -30.22
N GLU A 1169 5.85 -10.84 -29.02
CA GLU A 1169 5.34 -10.15 -27.83
C GLU A 1169 6.13 -8.88 -27.57
N LEU A 1170 5.48 -7.73 -27.61
CA LEU A 1170 6.18 -6.47 -27.41
C LEU A 1170 6.59 -6.29 -25.96
N ALA A 1171 7.61 -5.46 -25.76
CA ALA A 1171 8.14 -5.05 -24.47
C ALA A 1171 7.16 -4.02 -23.87
N GLU A 1172 7.60 -3.36 -22.80
CA GLU A 1172 6.77 -2.43 -22.05
C GLU A 1172 6.48 -1.22 -22.93
N SER A 1173 5.26 -1.18 -23.47
CA SER A 1173 4.80 -0.10 -24.34
C SER A 1173 5.63 0.05 -25.61
N GLY A 1174 5.98 -1.10 -26.22
CA GLY A 1174 6.68 -1.09 -27.49
C GLY A 1174 8.05 -0.44 -27.50
N SER A 1175 8.86 -0.84 -26.52
CA SER A 1175 10.20 -0.30 -26.36
C SER A 1175 11.08 -0.57 -27.57
N ASN A 1176 11.01 -1.78 -28.14
CA ASN A 1176 11.86 -2.12 -29.28
C ASN A 1176 11.51 -1.30 -30.53
N PHE A 1177 10.24 -1.04 -30.78
CA PHE A 1177 9.89 -0.22 -31.93
C PHE A 1177 10.40 1.20 -31.72
N SER A 1178 10.93 1.80 -32.78
CA SER A 1178 11.37 3.18 -32.68
C SER A 1178 10.17 4.10 -32.82
N VAL A 1179 10.35 5.37 -32.42
CA VAL A 1179 9.23 6.29 -32.52
C VAL A 1179 8.84 6.49 -33.98
N GLY A 1180 9.84 6.50 -34.87
CA GLY A 1180 9.52 6.52 -36.28
C GLY A 1180 8.74 5.29 -36.69
N GLN A 1181 9.18 4.12 -36.22
CA GLN A 1181 8.41 2.91 -36.48
C GLN A 1181 7.06 2.87 -35.80
N ARG A 1182 6.89 3.53 -34.65
CA ARG A 1182 5.55 3.53 -34.06
C ARG A 1182 4.57 4.35 -34.91
N GLN A 1183 4.96 5.57 -35.31
CA GLN A 1183 4.08 6.27 -36.25
C GLN A 1183 3.90 5.48 -37.55
N LEU A 1184 4.96 4.81 -38.01
CA LEU A 1184 4.87 4.00 -39.22
C LEU A 1184 3.84 2.89 -39.05
N VAL A 1185 3.87 2.17 -37.93
CA VAL A 1185 2.92 1.09 -37.80
C VAL A 1185 1.52 1.63 -37.63
N CYS A 1186 1.34 2.80 -36.99
CA CYS A 1186 -0.02 3.34 -36.95
C CYS A 1186 -0.52 3.77 -38.34
N LEU A 1187 0.33 4.39 -39.15
CA LEU A 1187 -0.08 4.68 -40.52
C LEU A 1187 -0.33 3.40 -41.30
N ALA A 1188 0.50 2.37 -41.06
CA ALA A 1188 0.30 1.07 -41.69
C ALA A 1188 -1.02 0.42 -41.29
N ARG A 1189 -1.40 0.49 -40.01
CA ARG A 1189 -2.69 -0.05 -39.63
C ARG A 1189 -3.76 0.67 -40.42
N ALA A 1190 -3.64 1.99 -40.51
CA ALA A 1190 -4.63 2.74 -41.27
C ALA A 1190 -4.64 2.29 -42.74
N ILE A 1191 -3.47 1.99 -43.30
CA ILE A 1191 -3.42 1.51 -44.68
C ILE A 1191 -4.15 0.18 -44.84
N LEU A 1192 -3.92 -0.78 -43.92
CA LEU A 1192 -4.67 -2.04 -44.04
C LEU A 1192 -6.16 -1.76 -43.83
N ARG A 1193 -6.43 -0.79 -42.97
CA ARG A 1193 -7.78 -0.41 -42.59
C ARG A 1193 -8.53 0.07 -43.82
N LYS A 1194 -7.80 0.73 -44.72
CA LYS A 1194 -8.31 1.18 -46.01
C LYS A 1194 -9.47 2.14 -45.85
N ASN A 1195 -9.26 3.16 -45.03
CA ASN A 1195 -10.27 4.18 -44.92
C ASN A 1195 -9.99 5.25 -45.97
N GLN A 1196 -10.93 6.17 -46.15
CA GLN A 1196 -10.70 7.26 -47.09
C GLN A 1196 -10.15 8.51 -46.45
N ILE A 1197 -10.43 8.72 -45.16
CA ILE A 1197 -9.85 9.83 -44.42
C ILE A 1197 -8.93 9.39 -43.29
N LEU A 1198 -8.14 10.36 -42.84
CA LEU A 1198 -7.21 10.15 -41.76
C LEU A 1198 -6.79 11.53 -41.30
N ILE A 1199 -6.68 11.65 -40.00
CA ILE A 1199 -6.38 12.88 -39.28
C ILE A 1199 -5.02 12.69 -38.64
N ILE A 1200 -4.17 13.67 -38.80
CA ILE A 1200 -2.87 13.71 -38.13
C ILE A 1200 -3.08 14.74 -37.04
N ASP A 1201 -3.28 14.24 -35.81
CA ASP A 1201 -3.42 15.12 -34.65
C ASP A 1201 -2.11 15.85 -34.43
N GLU A 1202 -1.94 16.93 -35.19
CA GLU A 1202 -0.73 17.74 -35.21
C GLU A 1202 0.49 16.83 -35.29
N ALA A 1203 0.51 15.99 -36.33
CA ALA A 1203 1.58 15.04 -36.43
C ALA A 1203 2.37 15.10 -37.73
N THR A 1204 1.98 15.95 -38.68
CA THR A 1204 2.75 16.03 -39.91
C THR A 1204 4.09 16.69 -39.65
N ALA A 1205 4.20 17.41 -38.53
CA ALA A 1205 5.37 18.15 -38.10
C ALA A 1205 6.30 17.33 -37.22
N ASN A 1206 5.77 16.62 -36.23
CA ASN A 1206 6.66 15.84 -35.37
C ASN A 1206 6.96 14.48 -35.99
N VAL A 1207 7.39 14.53 -37.24
CA VAL A 1207 7.71 13.37 -38.06
C VAL A 1207 9.22 13.31 -38.30
N ASP A 1208 9.78 12.13 -38.17
CA ASP A 1208 11.21 11.89 -38.40
C ASP A 1208 11.46 12.15 -39.89
N PRO A 1209 12.49 12.89 -40.27
CA PRO A 1209 12.65 13.24 -41.70
C PRO A 1209 12.69 12.09 -42.68
N ARG A 1210 13.19 10.89 -42.35
CA ARG A 1210 13.06 9.86 -43.37
C ARG A 1210 11.56 9.65 -43.59
N THR A 1211 10.80 9.65 -42.49
CA THR A 1211 9.34 9.63 -42.55
C THR A 1211 8.78 10.87 -43.25
N ASP A 1212 9.34 12.08 -43.06
CA ASP A 1212 8.74 13.21 -43.79
C ASP A 1212 8.81 12.97 -45.29
N GLU A 1213 9.99 12.63 -45.82
CA GLU A 1213 10.05 12.39 -47.25
C GLU A 1213 9.12 11.23 -47.60
N LEU A 1214 9.08 10.24 -46.71
CA LEU A 1214 8.22 9.07 -46.84
C LEU A 1214 6.76 9.50 -46.94
N ILE A 1215 6.27 10.31 -46.00
CA ILE A 1215 4.84 10.63 -45.93
C ILE A 1215 4.48 11.53 -47.10
N GLN A 1216 5.42 12.32 -47.60
CA GLN A 1216 5.13 13.07 -48.81
C GLN A 1216 4.88 12.08 -49.94
N LYS A 1217 5.77 11.09 -50.08
CA LYS A 1217 5.60 10.08 -51.12
C LYS A 1217 4.32 9.26 -50.85
N LYS A 1218 3.97 9.10 -49.57
CA LYS A 1218 2.73 8.43 -49.18
C LYS A 1218 1.53 9.19 -49.74
N ILE A 1219 1.39 10.46 -49.38
CA ILE A 1219 0.18 11.10 -49.83
C ILE A 1219 0.24 11.29 -51.34
N ARG A 1220 1.43 11.18 -51.96
CA ARG A 1220 1.43 11.14 -53.43
C ARG A 1220 0.93 9.80 -53.98
N GLU A 1221 1.32 8.67 -53.38
CA GLU A 1221 0.85 7.40 -53.92
C GLU A 1221 0.58 6.31 -52.88
N LYS A 1222 1.22 6.36 -51.71
CA LYS A 1222 0.97 5.30 -50.74
C LYS A 1222 -0.24 5.71 -49.91
N PHE A 1223 -0.16 6.87 -49.15
CA PHE A 1223 -1.48 7.03 -48.54
C PHE A 1223 -2.48 7.43 -49.56
N ALA A 1224 -2.20 7.41 -50.88
CA ALA A 1224 -3.19 7.78 -51.88
C ALA A 1224 -4.53 7.24 -51.46
N HIS A 1225 -4.49 6.10 -50.77
CA HIS A 1225 -5.67 5.45 -50.25
C HIS A 1225 -6.13 6.01 -48.91
N CYS A 1226 -5.35 6.90 -48.26
CA CYS A 1226 -5.88 7.66 -47.12
C CYS A 1226 -5.52 9.15 -47.15
N THR A 1227 -6.53 9.98 -46.97
CA THR A 1227 -6.46 11.45 -46.96
C THR A 1227 -5.73 12.11 -45.79
N VAL A 1228 -4.63 12.83 -46.03
CA VAL A 1228 -3.93 13.45 -44.92
C VAL A 1228 -4.19 14.95 -45.05
N LEU A 1229 -4.53 15.56 -43.90
CA LEU A 1229 -4.63 17.00 -43.67
C LEU A 1229 -3.51 17.47 -42.78
N THR A 1230 -2.65 18.34 -43.29
CA THR A 1230 -1.48 18.67 -42.50
C THR A 1230 -1.63 20.06 -41.88
N ILE A 1231 -1.84 20.03 -40.56
CA ILE A 1231 -1.82 21.18 -39.67
C ILE A 1231 -0.52 21.03 -38.93
N ALA A 1232 0.24 22.11 -38.80
CA ALA A 1232 1.56 21.95 -38.22
C ALA A 1232 2.19 23.30 -37.91
N HIS A 1233 3.27 23.21 -37.14
CA HIS A 1233 4.14 24.32 -36.84
C HIS A 1233 5.41 24.27 -37.68
N ARG A 1234 5.68 23.13 -38.32
CA ARG A 1234 6.78 22.99 -39.26
C ARG A 1234 6.21 23.46 -40.60
N LEU A 1235 6.61 24.66 -41.04
CA LEU A 1235 6.00 25.23 -42.23
C LEU A 1235 6.19 24.37 -43.48
N ASN A 1236 7.33 23.67 -43.60
CA ASN A 1236 7.54 22.88 -44.79
C ASN A 1236 6.46 21.81 -44.95
N THR A 1237 5.92 21.33 -43.82
CA THR A 1237 4.87 20.32 -43.87
C THR A 1237 3.52 20.88 -44.27
N ILE A 1238 3.33 22.19 -44.21
CA ILE A 1238 2.04 22.78 -44.53
C ILE A 1238 2.03 23.55 -45.84
N ILE A 1239 3.18 23.91 -46.40
CA ILE A 1239 3.13 24.61 -47.68
C ILE A 1239 2.52 23.72 -48.75
N ASP A 1240 2.85 22.43 -48.72
CA ASP A 1240 2.32 21.43 -49.64
C ASP A 1240 0.82 21.17 -49.51
N SER A 1241 0.20 21.42 -48.36
CA SER A 1241 -1.22 21.11 -48.23
C SER A 1241 -2.10 21.94 -49.15
N ASP A 1242 -3.19 21.32 -49.59
CA ASP A 1242 -4.11 21.98 -50.51
C ASP A 1242 -4.88 23.12 -49.86
N LYS A 1243 -5.28 22.96 -48.59
CA LYS A 1243 -6.02 23.99 -47.88
C LYS A 1243 -5.48 24.24 -46.49
N ILE A 1244 -5.61 25.48 -46.04
CA ILE A 1244 -5.19 25.93 -44.72
C ILE A 1244 -6.40 26.58 -44.06
N MET A 1245 -6.68 26.20 -42.82
CA MET A 1245 -7.81 26.77 -42.09
C MET A 1245 -7.19 27.72 -41.07
N VAL A 1246 -7.17 28.99 -41.45
CA VAL A 1246 -6.69 30.09 -40.62
C VAL A 1246 -7.72 30.43 -39.56
N LEU A 1247 -7.27 30.48 -38.30
CA LEU A 1247 -8.18 30.71 -37.19
C LEU A 1247 -7.57 31.71 -36.21
N ASP A 1248 -8.39 32.68 -35.80
CA ASP A 1248 -8.03 33.67 -34.80
C ASP A 1248 -8.91 33.40 -33.59
N SER A 1249 -8.32 33.42 -32.39
CA SER A 1249 -9.09 33.17 -31.18
C SER A 1249 -9.86 31.87 -31.35
N GLY A 1250 -9.26 30.94 -32.09
CA GLY A 1250 -9.85 29.65 -32.40
C GLY A 1250 -10.95 29.70 -33.44
N ARG A 1251 -11.12 30.84 -34.12
CA ARG A 1251 -12.21 31.01 -35.08
C ARG A 1251 -11.76 31.18 -36.52
N LEU A 1252 -12.44 30.46 -37.41
CA LEU A 1252 -12.19 30.51 -38.86
C LEU A 1252 -12.79 31.79 -39.43
N LYS A 1253 -11.90 32.73 -39.71
CA LYS A 1253 -12.21 34.01 -40.34
C LYS A 1253 -12.19 33.87 -41.86
N GLU A 1254 -11.22 33.13 -42.38
CA GLU A 1254 -10.92 32.98 -43.81
C GLU A 1254 -10.71 31.49 -44.05
N TYR A 1255 -11.18 31.04 -45.22
CA TYR A 1255 -11.08 29.67 -45.70
C TYR A 1255 -10.92 29.59 -47.22
N ASP A 1256 -9.67 29.39 -47.64
CA ASP A 1256 -9.27 29.28 -49.03
C ASP A 1256 -7.91 28.61 -49.06
N GLU A 1257 -7.33 28.46 -50.25
CA GLU A 1257 -6.03 27.82 -50.34
C GLU A 1257 -4.85 28.65 -49.80
N PRO A 1258 -3.81 27.95 -49.36
CA PRO A 1258 -2.54 28.57 -48.91
C PRO A 1258 -1.79 29.45 -49.91
N TYR A 1259 -1.85 29.14 -51.21
CA TYR A 1259 -1.11 29.96 -52.17
C TYR A 1259 -1.53 31.42 -52.20
N VAL A 1260 -2.83 31.75 -52.16
CA VAL A 1260 -3.16 33.17 -52.13
C VAL A 1260 -2.64 33.80 -50.84
N LEU A 1261 -2.80 33.07 -49.73
CA LEU A 1261 -2.39 33.41 -48.38
C LEU A 1261 -0.88 33.51 -48.13
N LEU A 1262 -0.05 32.67 -48.77
CA LEU A 1262 1.39 32.67 -48.49
C LEU A 1262 2.13 33.95 -48.82
N GLN A 1263 1.81 34.63 -49.92
CA GLN A 1263 2.52 35.88 -50.21
C GLN A 1263 2.27 36.96 -49.17
N ASN A 1264 2.72 38.18 -49.48
CA ASN A 1264 2.54 39.31 -48.57
C ASN A 1264 1.10 39.82 -48.55
N LYS A 1265 0.45 39.96 -49.70
CA LYS A 1265 -0.94 40.38 -49.70
C LYS A 1265 -1.91 39.38 -49.07
N GLU A 1266 -2.04 39.40 -47.75
CA GLU A 1266 -2.92 38.50 -47.01
C GLU A 1266 -2.88 38.90 -45.54
N SER A 1267 -4.02 38.89 -44.86
CA SER A 1267 -3.98 39.21 -43.44
C SER A 1267 -3.28 38.28 -42.45
N LEU A 1268 -3.96 37.23 -41.94
CA LEU A 1268 -3.32 36.34 -40.96
C LEU A 1268 -2.14 35.51 -41.47
N PHE A 1269 -2.19 34.97 -42.69
CA PHE A 1269 -1.03 34.24 -43.19
C PHE A 1269 0.22 35.12 -43.15
N TYR A 1270 0.04 36.39 -43.49
CA TYR A 1270 1.20 37.27 -43.44
C TYR A 1270 1.66 37.54 -42.02
N LYS A 1271 0.74 37.60 -41.05
CA LYS A 1271 1.20 37.71 -39.67
C LYS A 1271 1.97 36.49 -39.18
N MET A 1272 1.49 35.26 -39.45
CA MET A 1272 2.36 34.15 -39.01
C MET A 1272 3.68 34.15 -39.76
N VAL A 1273 3.68 34.48 -41.07
CA VAL A 1273 4.95 34.51 -41.79
C VAL A 1273 5.90 35.54 -41.20
N GLN A 1274 5.41 36.74 -40.88
CA GLN A 1274 6.25 37.74 -40.24
C GLN A 1274 6.65 37.36 -38.81
N GLN A 1275 5.71 37.54 -37.86
CA GLN A 1275 6.08 37.36 -36.45
C GLN A 1275 6.24 35.89 -36.08
N LEU A 1276 5.29 35.03 -36.46
CA LEU A 1276 5.35 33.63 -36.04
C LEU A 1276 6.38 32.84 -36.83
N GLY A 1277 6.75 33.32 -38.02
CA GLY A 1277 7.79 32.68 -38.80
C GLY A 1277 7.26 31.70 -39.81
#